data_8R8U
#
_entry.id   8R8U
#
_cell.length_a   1.00
_cell.length_b   1.00
_cell.length_c   1.00
_cell.angle_alpha   90.00
_cell.angle_beta   90.00
_cell.angle_gamma   90.00
#
_symmetry.space_group_name_H-M   'P 1'
#
loop_
_entity.id
_entity.type
_entity.pdbx_description
1 polymer 'Protein-arginine deiminase type-4'
2 polymer 'Cyclic Peptide PADI4_3'
3 non-polymer 'CALCIUM ION'
#
loop_
_entity_poly.entity_id
_entity_poly.type
_entity_poly.pdbx_seq_one_letter_code
_entity_poly.pdbx_strand_id
1 'polypeptide(L)'
;GPLGSPQMAQGTLIRVTPEQPTHAVCVLGTLTQLDICSSAPDDCTSFSINASPGVVVDIAHSPPAKKKSTGSSTWPLDPG
VEVTLTMKAASGSTGDQKVQISYYGPKTPPVKALLYLTAVEISLCADITRTGKVKPTRAVKDQRTWTWGPCGQGAILLVN
CDRDNLESSAMDCEDDEVLDSEDLQDMSLMTLSTKTPKDFFTNHTLVLHVARSEMDKVRVFQATRGKLSSKCSVVLGPKW
PSHYLMVPGGKHNMDFYVEALAFPDTDFPGLITLTISLLDTSNLELPEAVVFQDSVVFRVAPWIMTPNTQPPQEVYACSI
FENEDFLKSVTTLAMKAKCKLTICPEEENMDDQWMQDEMEIGYIQAPHKTLPVVFDSPRNRGLKEFPIKRVMGPDFGYVT
RGPQTGGISGLDSFGNLEVSPPVTVRGKEYPLGRILFGDSCYPSNDSRQMHQALQDFLSAQQVQAPVKLYSDWLSVGHVD
EFLSFVPAPDRKGFRLLLASPRSCYKLFQEQQNEGHGEALLFEGIKKKKQQKIKNILSNKTLREHNSFVERCIDWNRELL
KRELGLAESDIIDIPQLFKLKEFSKAEAFFPNMVNMLVLGKHLGIPKPFGPVINGRCCLEEKVCSLLEPLGLQCTFINDF
FTYHIRHGEVHCGTNVRRKPFSFKWWNMVP
;
A,B
2 'polypeptide(L)' (UNK)YRDHHYRHPKYC D,C
#
# COMPACT_ATOMS: atom_id res chain seq x y z
N GLY A 11 25.12 -0.29 16.34
CA GLY A 11 25.22 -0.97 17.62
C GLY A 11 25.96 -2.30 17.54
N THR A 12 27.10 -2.38 18.24
CA THR A 12 27.92 -3.58 18.26
C THR A 12 28.34 -3.87 19.70
N LEU A 13 28.34 -5.14 20.06
CA LEU A 13 28.72 -5.57 21.40
C LEU A 13 30.06 -6.29 21.35
N ILE A 14 30.98 -5.88 22.22
CA ILE A 14 32.29 -6.49 22.34
C ILE A 14 32.45 -7.00 23.77
N ARG A 15 32.80 -8.27 23.90
CA ARG A 15 32.99 -8.89 25.21
C ARG A 15 34.48 -9.14 25.45
N VAL A 16 34.96 -8.75 26.63
CA VAL A 16 36.36 -8.87 27.00
C VAL A 16 36.48 -9.92 28.09
N THR A 17 37.41 -10.86 27.89
CA THR A 17 37.72 -11.87 28.89
C THR A 17 39.16 -11.72 29.37
N PRO A 18 39.40 -11.80 30.68
CA PRO A 18 40.78 -11.65 31.18
C PRO A 18 41.70 -12.80 30.79
N GLU A 19 41.16 -13.93 30.34
CA GLU A 19 41.99 -15.08 29.99
C GLU A 19 42.73 -14.89 28.68
N GLN A 20 42.20 -14.07 27.76
CA GLN A 20 42.87 -13.85 26.48
C GLN A 20 42.40 -12.54 25.88
N PRO A 21 43.27 -11.73 25.31
CA PRO A 21 42.84 -10.50 24.65
C PRO A 21 42.08 -10.80 23.36
N THR A 22 41.20 -9.88 22.99
CA THR A 22 40.38 -10.01 21.79
C THR A 22 40.65 -8.85 20.85
N HIS A 23 40.60 -9.13 19.55
CA HIS A 23 40.77 -8.11 18.52
C HIS A 23 39.41 -7.85 17.87
N ALA A 24 38.98 -6.59 17.89
CA ALA A 24 37.69 -6.20 17.34
C ALA A 24 37.87 -5.07 16.34
N VAL A 25 36.95 -5.00 15.38
CA VAL A 25 36.96 -3.99 14.33
C VAL A 25 35.77 -3.07 14.55
N CYS A 26 36.03 -1.77 14.65
CA CYS A 26 34.99 -0.78 14.85
C CYS A 26 34.94 0.15 13.64
N VAL A 27 33.72 0.57 13.30
CA VAL A 27 33.48 1.45 12.16
C VAL A 27 33.11 2.84 12.68
N LEU A 28 33.77 3.87 12.14
CA LEU A 28 33.53 5.23 12.59
C LEU A 28 32.08 5.63 12.35
N GLY A 29 31.50 6.32 13.32
CA GLY A 29 30.13 6.77 13.24
C GLY A 29 29.11 5.82 13.85
N THR A 30 29.52 4.63 14.26
CA THR A 30 28.62 3.65 14.86
C THR A 30 28.96 3.49 16.34
N LEU A 31 27.92 3.37 17.16
CA LEU A 31 28.09 3.24 18.60
C LEU A 31 28.48 1.81 18.96
N THR A 32 29.54 1.67 19.75
CA THR A 32 30.05 0.36 20.16
C THR A 32 29.93 0.23 21.66
N GLN A 33 29.09 -0.70 22.11
CA GLN A 33 28.90 -0.98 23.52
C GLN A 33 29.87 -2.09 23.95
N LEU A 34 30.54 -1.87 25.07
CA LEU A 34 31.57 -2.78 25.57
C LEU A 34 31.01 -3.50 26.79
N ASP A 35 30.76 -4.80 26.65
CA ASP A 35 30.23 -5.62 27.73
C ASP A 35 31.38 -6.19 28.54
N ILE A 36 31.40 -5.89 29.83
CA ILE A 36 32.48 -6.33 30.71
C ILE A 36 32.03 -7.30 31.79
N CYS A 37 30.73 -7.38 32.09
CA CYS A 37 30.24 -8.26 33.13
C CYS A 37 29.89 -9.66 32.62
N SER A 38 29.97 -9.89 31.31
CA SER A 38 29.64 -11.20 30.77
C SER A 38 30.64 -12.26 31.22
N SER A 39 31.93 -11.90 31.29
CA SER A 39 32.97 -12.84 31.68
C SER A 39 33.87 -12.25 32.76
N ALA A 40 33.33 -11.35 33.58
CA ALA A 40 34.09 -10.77 34.67
C ALA A 40 34.33 -11.81 35.77
N PRO A 41 35.42 -11.66 36.52
CA PRO A 41 35.66 -12.57 37.65
C PRO A 41 34.53 -12.52 38.66
N ASP A 42 34.20 -13.67 39.23
CA ASP A 42 33.10 -13.75 40.18
C ASP A 42 33.37 -12.93 41.42
N ASP A 43 34.61 -12.98 41.93
CA ASP A 43 34.96 -12.25 43.13
C ASP A 43 35.15 -10.74 42.90
N CYS A 44 35.24 -10.31 41.64
CA CYS A 44 35.44 -8.90 41.36
C CYS A 44 34.20 -8.09 41.71
N THR A 45 34.41 -6.83 42.10
CA THR A 45 33.33 -5.93 42.46
C THR A 45 33.45 -4.54 41.83
N SER A 46 34.61 -4.17 41.31
CA SER A 46 34.80 -2.86 40.71
C SER A 46 35.79 -2.96 39.56
N PHE A 47 35.68 -2.03 38.61
CA PHE A 47 36.53 -2.04 37.43
C PHE A 47 37.02 -0.63 37.14
N SER A 48 38.16 -0.56 36.45
CA SER A 48 38.73 0.70 35.98
C SER A 48 39.14 0.54 34.53
N ILE A 49 39.13 1.66 33.80
CA ILE A 49 39.35 1.68 32.36
C ILE A 49 40.57 2.54 32.06
N ASN A 50 41.51 1.99 31.30
CA ASN A 50 42.67 2.73 30.82
C ASN A 50 42.66 2.69 29.29
N ALA A 51 42.46 3.84 28.67
CA ALA A 51 42.27 3.92 27.23
C ALA A 51 43.39 4.74 26.60
N SER A 52 43.74 4.36 25.37
CA SER A 52 44.70 5.14 24.59
C SER A 52 44.10 6.51 24.28
N PRO A 53 44.94 7.53 24.11
CA PRO A 53 44.40 8.89 23.87
C PRO A 53 43.55 9.00 22.62
N GLY A 54 43.68 8.06 21.67
CA GLY A 54 42.83 8.07 20.50
C GLY A 54 41.47 7.46 20.67
N VAL A 55 41.15 6.96 21.87
CA VAL A 55 39.87 6.31 22.15
C VAL A 55 39.17 7.10 23.26
N VAL A 56 37.88 7.38 23.06
CA VAL A 56 37.07 8.09 24.02
C VAL A 56 36.09 7.09 24.63
N VAL A 57 36.13 6.98 25.96
CA VAL A 57 35.26 6.06 26.69
C VAL A 57 34.18 6.87 27.40
N ASP A 58 32.97 6.33 27.44
CA ASP A 58 31.86 6.95 28.15
C ASP A 58 31.25 5.92 29.09
N ILE A 59 31.11 6.29 30.36
CA ILE A 59 30.58 5.42 31.39
C ILE A 59 29.17 5.89 31.74
N ALA A 60 28.18 5.04 31.51
CA ALA A 60 26.79 5.41 31.80
C ALA A 60 26.16 4.39 32.75
N SER A 73 38.45 6.22 41.13
CA SER A 73 37.56 6.46 40.00
C SER A 73 36.92 5.16 39.52
N THR A 74 36.73 4.23 40.44
CA THR A 74 36.14 2.95 40.10
C THR A 74 34.62 3.04 40.06
N TRP A 75 33.99 2.04 39.45
CA TRP A 75 32.55 1.97 39.33
C TRP A 75 32.07 0.59 39.73
N PRO A 76 30.83 0.48 40.22
CA PRO A 76 30.31 -0.84 40.61
C PRO A 76 30.20 -1.77 39.40
N LEU A 77 30.45 -3.05 39.65
CA LEU A 77 30.39 -4.08 38.61
C LEU A 77 28.99 -4.68 38.60
N ASP A 78 28.09 -4.05 37.86
CA ASP A 78 26.71 -4.50 37.74
C ASP A 78 26.27 -4.39 36.29
N PRO A 79 25.28 -5.18 35.87
CA PRO A 79 24.79 -5.07 34.49
C PRO A 79 24.15 -3.72 34.19
N GLY A 80 23.77 -2.95 35.21
CA GLY A 80 23.15 -1.66 34.96
C GLY A 80 24.07 -0.68 34.28
N VAL A 81 25.34 -0.64 34.70
CA VAL A 81 26.30 0.29 34.14
C VAL A 81 26.68 -0.17 32.74
N GLU A 82 27.00 0.79 31.87
CA GLU A 82 27.36 0.52 30.49
C GLU A 82 28.62 1.30 30.13
N VAL A 83 29.35 0.75 29.17
CA VAL A 83 30.57 1.36 28.64
C VAL A 83 30.40 1.53 27.15
N THR A 84 30.69 2.71 26.63
CA THR A 84 30.60 2.98 25.20
C THR A 84 31.93 3.52 24.68
N LEU A 85 32.34 3.05 23.51
CA LEU A 85 33.63 3.39 22.93
C LEU A 85 33.43 4.21 21.67
N THR A 86 34.30 5.21 21.48
CA THR A 86 34.28 6.02 20.27
C THR A 86 35.72 6.31 19.84
N MET A 87 35.90 6.51 18.53
CA MET A 87 37.19 6.88 17.97
C MET A 87 37.00 8.01 16.97
N LYS A 88 38.06 8.78 16.76
CA LYS A 88 38.01 9.96 15.92
C LYS A 88 38.81 9.83 14.63
N ALA A 89 39.68 8.84 14.52
CA ALA A 89 40.52 8.69 13.34
C ALA A 89 40.65 7.22 12.97
N ALA A 90 40.57 6.93 11.68
CA ALA A 90 40.77 5.57 11.21
C ALA A 90 42.24 5.19 11.35
N SER A 91 42.49 3.99 11.88
CA SER A 91 43.86 3.56 12.15
C SER A 91 44.59 3.27 10.84
N GLY A 92 45.92 3.34 10.91
CA GLY A 92 46.76 3.01 9.78
C GLY A 92 47.34 1.61 9.88
N SER A 93 47.11 0.95 11.01
CA SER A 93 47.59 -0.41 11.23
C SER A 93 46.57 -1.16 12.07
N THR A 94 46.54 -2.48 11.91
CA THR A 94 45.59 -3.32 12.64
C THR A 94 46.00 -3.41 14.10
N GLY A 95 45.03 -3.27 15.00
CA GLY A 95 45.31 -3.33 16.42
C GLY A 95 46.06 -2.13 16.96
N ASP A 96 45.86 -0.95 16.37
CA ASP A 96 46.63 0.22 16.79
C ASP A 96 46.29 0.65 18.21
N GLN A 97 45.01 0.62 18.58
CA GLN A 97 44.57 1.18 19.85
C GLN A 97 44.21 0.08 20.83
N LYS A 98 44.71 0.19 22.06
CA LYS A 98 44.47 -0.80 23.09
C LYS A 98 43.62 -0.20 24.21
N VAL A 99 42.82 -1.06 24.82
CA VAL A 99 41.99 -0.68 25.97
C VAL A 99 42.25 -1.70 27.08
N GLN A 100 42.50 -1.21 28.29
CA GLN A 100 42.82 -2.06 29.43
C GLN A 100 41.68 -1.99 30.44
N ILE A 101 41.15 -3.15 30.81
CA ILE A 101 40.09 -3.26 31.81
C ILE A 101 40.72 -3.90 33.04
N SER A 102 40.76 -3.16 34.14
CA SER A 102 41.36 -3.64 35.38
C SER A 102 40.24 -3.99 36.36
N TYR A 103 40.09 -5.28 36.65
CA TYR A 103 39.11 -5.77 37.61
C TYR A 103 39.73 -5.86 39.00
N TYR A 104 38.95 -5.47 40.01
CA TYR A 104 39.41 -5.55 41.39
C TYR A 104 38.68 -6.65 42.15
N PRO A 110 44.49 -7.36 41.43
CA PRO A 110 43.62 -6.89 40.34
C PRO A 110 43.93 -7.57 39.02
N VAL A 111 42.91 -8.22 38.43
CA VAL A 111 43.11 -8.90 37.16
C VAL A 111 43.07 -7.88 36.03
N LYS A 112 43.76 -8.20 34.93
CA LYS A 112 43.84 -7.30 33.79
C LYS A 112 43.33 -7.99 32.53
N ALA A 113 42.58 -7.25 31.73
CA ALA A 113 42.10 -7.72 30.43
C ALA A 113 42.45 -6.68 29.39
N LEU A 114 42.78 -7.16 28.19
CA LEU A 114 43.23 -6.30 27.10
C LEU A 114 42.28 -6.41 25.92
N LEU A 115 42.15 -5.30 25.18
CA LEU A 115 41.34 -5.26 23.97
C LEU A 115 42.11 -4.48 22.92
N TYR A 116 42.65 -5.19 21.93
CA TYR A 116 43.26 -4.53 20.78
C TYR A 116 42.17 -4.21 19.76
N LEU A 117 42.31 -3.06 19.10
CA LEU A 117 41.22 -2.53 18.30
C LEU A 117 41.76 -1.61 17.22
N THR A 118 41.20 -1.75 16.02
CA THR A 118 41.53 -0.93 14.86
C THR A 118 40.26 -0.31 14.33
N ALA A 119 40.39 0.87 13.72
CA ALA A 119 39.24 1.65 13.27
C ALA A 119 39.30 1.82 11.76
N VAL A 120 38.14 1.65 11.12
CA VAL A 120 37.99 1.86 9.69
C VAL A 120 36.78 2.76 9.46
N GLU A 121 36.76 3.42 8.31
CA GLU A 121 35.64 4.27 7.91
C GLU A 121 35.02 3.67 6.66
N ILE A 122 33.73 3.33 6.75
CA ILE A 122 32.97 2.79 5.63
C ILE A 122 31.74 3.67 5.46
N SER A 123 31.64 4.36 4.32
CA SER A 123 30.52 5.25 4.05
C SER A 123 29.89 4.90 2.72
N LEU A 124 28.56 4.87 2.69
CA LEU A 124 27.78 4.65 1.48
C LEU A 124 26.86 5.86 1.33
N CYS A 125 27.29 6.84 0.55
CA CYS A 125 26.65 8.14 0.49
C CYS A 125 25.84 8.28 -0.79
N ALA A 126 24.62 8.79 -0.65
CA ALA A 126 23.78 9.18 -1.78
C ALA A 126 23.31 10.61 -1.58
N ASP A 127 22.40 11.08 -2.44
CA ASP A 127 21.86 12.44 -2.31
C ASP A 127 20.63 12.42 -1.41
N ILE A 128 20.89 12.14 -0.12
CA ILE A 128 19.81 12.01 0.84
C ILE A 128 19.14 13.34 1.15
N THR A 129 19.81 14.45 0.87
CA THR A 129 19.25 15.78 1.14
C THR A 129 18.44 16.33 -0.03
N ARG A 130 18.43 15.61 -1.15
CA ARG A 130 17.63 16.05 -2.34
C ARG A 130 18.06 17.47 -2.74
N THR A 131 19.36 17.75 -2.74
CA THR A 131 19.86 19.06 -3.11
C THR A 131 20.68 19.08 -4.40
N GLY A 132 21.17 17.92 -4.85
CA GLY A 132 21.92 17.82 -6.09
C GLY A 132 23.32 17.25 -5.94
N LYS A 133 23.90 17.32 -4.74
CA LYS A 133 25.25 16.85 -4.50
C LYS A 133 25.25 15.75 -3.44
N VAL A 134 26.06 14.72 -3.66
CA VAL A 134 26.17 13.61 -2.73
C VAL A 134 26.84 14.06 -1.44
N ARG A 144 18.66 5.72 6.59
CA ARG A 144 18.16 4.42 6.16
C ARG A 144 16.63 4.40 6.16
N THR A 145 16.02 5.52 5.80
CA THR A 145 14.57 5.63 5.71
C THR A 145 14.23 6.75 4.74
N TRP A 146 12.98 6.73 4.27
CA TRP A 146 12.49 7.72 3.30
C TRP A 146 11.25 8.39 3.88
N THR A 147 11.27 9.71 3.96
CA THR A 147 10.17 10.48 4.52
C THR A 147 9.81 11.62 3.60
N TRP A 148 8.51 11.88 3.46
CA TRP A 148 8.01 12.96 2.63
C TRP A 148 8.17 14.30 3.35
N GLY A 149 7.99 15.38 2.60
CA GLY A 149 7.97 16.71 3.17
C GLY A 149 9.26 17.47 2.96
N PRO A 150 9.22 18.78 3.24
CA PRO A 150 10.44 19.61 3.07
C PRO A 150 11.50 19.36 4.13
N CYS A 151 11.18 18.65 5.22
CA CYS A 151 12.13 18.35 6.28
C CYS A 151 12.44 16.85 6.34
N GLY A 152 12.37 16.16 5.20
CA GLY A 152 12.63 14.75 5.14
C GLY A 152 13.99 14.42 4.54
N GLN A 153 14.23 13.12 4.41
CA GLN A 153 15.48 12.61 3.85
C GLN A 153 15.17 11.44 2.92
N GLY A 154 16.06 11.21 1.96
CA GLY A 154 15.90 10.12 1.03
C GLY A 154 16.21 10.49 -0.40
N ALA A 155 16.85 9.59 -1.14
CA ALA A 155 17.24 9.85 -2.51
C ALA A 155 16.16 9.42 -3.50
N ILE A 156 16.24 9.95 -4.71
CA ILE A 156 15.23 9.76 -5.74
C ILE A 156 15.88 9.11 -6.95
N LEU A 157 15.23 8.08 -7.48
CA LEU A 157 15.72 7.31 -8.63
C LEU A 157 14.85 7.59 -9.84
N LEU A 158 15.49 7.68 -11.00
CA LEU A 158 14.80 7.94 -12.27
C LEU A 158 14.77 6.68 -13.12
N VAL A 159 13.61 6.40 -13.70
CA VAL A 159 13.49 5.28 -14.63
C VAL A 159 14.16 5.65 -15.95
N ASN A 160 15.04 4.77 -16.42
CA ASN A 160 15.77 5.01 -17.67
C ASN A 160 14.90 4.57 -18.85
N CYS A 161 13.83 5.33 -19.06
CA CYS A 161 12.82 5.00 -20.06
C CYS A 161 13.03 5.70 -21.40
N ASP A 162 14.06 6.53 -21.53
CA ASP A 162 14.29 7.23 -22.78
C ASP A 162 15.16 6.37 -23.70
N ARG A 163 15.52 6.94 -24.85
CA ARG A 163 16.37 6.27 -25.84
C ARG A 163 17.51 7.20 -26.19
N ASP A 164 18.59 7.16 -25.42
CA ASP A 164 19.75 8.00 -25.67
C ASP A 164 20.66 7.44 -26.75
N ASN A 165 20.47 6.19 -27.16
CA ASN A 165 21.25 5.57 -28.22
C ASN A 165 20.47 5.66 -29.53
N LEU A 166 21.13 6.12 -30.58
CA LEU A 166 20.49 6.33 -31.87
C LEU A 166 20.57 5.11 -32.77
N GLU A 167 21.18 4.01 -32.31
CA GLU A 167 21.30 2.78 -33.09
C GLU A 167 20.44 1.66 -32.52
N SER A 168 19.31 2.01 -31.92
CA SER A 168 18.42 1.02 -31.31
C SER A 168 17.00 1.54 -31.33
N SER A 169 16.05 0.62 -31.18
CA SER A 169 14.64 0.95 -31.13
C SER A 169 14.01 0.64 -29.77
N ALA A 170 14.79 0.19 -28.80
CA ALA A 170 14.31 -0.14 -27.47
C ALA A 170 14.75 0.92 -26.46
N MET A 171 14.17 0.83 -25.27
CA MET A 171 14.51 1.78 -24.21
C MET A 171 15.89 1.47 -23.63
N ASP A 172 16.42 2.43 -22.88
CA ASP A 172 17.78 2.32 -22.36
C ASP A 172 17.92 1.27 -21.27
N CYS A 173 16.83 0.92 -20.58
CA CYS A 173 16.89 0.01 -19.44
C CYS A 173 16.63 -1.44 -19.83
N GLU A 174 16.56 -1.75 -21.12
CA GLU A 174 16.31 -3.10 -21.59
C GLU A 174 17.60 -3.90 -21.79
N ASP A 175 18.76 -3.31 -21.52
CA ASP A 175 20.03 -4.01 -21.64
C ASP A 175 20.87 -3.70 -20.41
N ASP A 176 21.85 -4.57 -20.15
CA ASP A 176 22.70 -4.47 -18.96
C ASP A 176 24.03 -3.81 -19.28
N GLU A 177 24.05 -2.84 -20.20
CA GLU A 177 25.26 -2.11 -20.54
C GLU A 177 24.92 -0.66 -20.80
N VAL A 178 25.91 0.21 -20.63
CA VAL A 178 25.79 1.63 -20.91
C VAL A 178 26.61 1.93 -22.15
N LEU A 179 25.95 2.39 -23.21
CA LEU A 179 26.61 2.59 -24.49
C LEU A 179 26.94 4.06 -24.78
N ASP A 180 26.43 4.99 -23.98
CA ASP A 180 26.65 6.41 -24.23
C ASP A 180 27.08 7.08 -22.93
N SER A 181 27.79 8.20 -23.07
CA SER A 181 28.14 9.00 -21.90
C SER A 181 26.92 9.75 -21.37
N GLU A 182 26.10 10.29 -22.28
CA GLU A 182 24.89 11.00 -21.86
C GLU A 182 23.94 10.09 -21.10
N ASP A 183 24.00 8.78 -21.36
CA ASP A 183 23.19 7.83 -20.62
C ASP A 183 23.48 7.83 -19.13
N LEU A 184 24.65 8.35 -18.74
CA LEU A 184 24.99 8.45 -17.33
C LEU A 184 24.37 9.67 -16.65
N GLN A 185 23.66 10.52 -17.39
CA GLN A 185 22.98 11.66 -16.81
C GLN A 185 21.59 11.33 -16.28
N ASP A 186 21.07 10.15 -16.60
CA ASP A 186 19.78 9.69 -16.08
C ASP A 186 19.93 8.69 -14.94
N MET A 187 21.12 8.56 -14.37
CA MET A 187 21.43 7.57 -13.36
C MET A 187 21.88 8.26 -12.08
N SER A 188 21.41 7.77 -10.94
CA SER A 188 21.76 8.36 -9.65
C SER A 188 23.14 7.89 -9.23
N LEU A 189 23.92 8.81 -8.64
CA LEU A 189 25.28 8.51 -8.23
C LEU A 189 25.32 8.13 -6.76
N MET A 190 26.02 7.04 -6.44
CA MET A 190 26.21 6.57 -5.08
C MET A 190 27.70 6.31 -4.86
N THR A 191 28.25 6.86 -3.79
CA THR A 191 29.68 6.83 -3.55
C THR A 191 30.00 5.97 -2.34
N LEU A 192 30.90 5.01 -2.52
CA LEU A 192 31.41 4.19 -1.43
C LEU A 192 32.80 4.69 -1.07
N SER A 193 32.95 5.21 0.14
CA SER A 193 34.22 5.73 0.62
C SER A 193 34.75 4.82 1.72
N THR A 194 35.95 4.29 1.52
CA THR A 194 36.58 3.39 2.49
C THR A 194 37.94 3.94 2.89
N LYS A 195 38.13 4.10 4.20
CA LYS A 195 39.43 4.45 4.77
C LYS A 195 39.79 3.33 5.74
N THR A 196 40.66 2.43 5.28
CA THR A 196 41.06 1.24 6.00
C THR A 196 42.58 1.12 6.01
N PRO A 197 43.14 0.44 7.02
CA PRO A 197 44.60 0.24 7.03
C PRO A 197 45.06 -0.60 5.85
N LYS A 198 46.36 -0.54 5.59
CA LYS A 198 46.94 -1.35 4.53
C LYS A 198 46.81 -2.84 4.87
N ASP A 199 46.57 -3.64 3.84
CA ASP A 199 46.34 -5.09 4.00
C ASP A 199 45.23 -5.35 5.00
N PHE A 200 44.09 -4.72 4.79
CA PHE A 200 42.91 -4.91 5.64
C PHE A 200 41.89 -5.87 5.03
N PHE A 201 41.82 -5.95 3.70
CA PHE A 201 40.82 -6.75 3.03
C PHE A 201 41.32 -8.15 2.67
N THR A 202 42.50 -8.53 3.14
CA THR A 202 42.94 -9.92 3.05
C THR A 202 42.19 -10.82 4.02
N ASN A 203 41.54 -10.24 5.04
CA ASN A 203 40.75 -10.98 6.01
C ASN A 203 39.30 -10.54 6.08
N HIS A 204 38.93 -9.43 5.42
CA HIS A 204 37.57 -8.94 5.41
C HIS A 204 37.12 -8.73 3.97
N THR A 205 35.81 -8.73 3.77
CA THR A 205 35.23 -8.59 2.44
C THR A 205 34.04 -7.65 2.49
N LEU A 206 33.76 -7.01 1.36
CA LEU A 206 32.62 -6.11 1.21
C LEU A 206 31.68 -6.67 0.15
N VAL A 207 30.40 -6.70 0.46
CA VAL A 207 29.37 -7.23 -0.43
C VAL A 207 28.30 -6.16 -0.64
N LEU A 208 27.93 -5.94 -1.90
CA LEU A 208 26.85 -5.03 -2.25
C LEU A 208 25.67 -5.84 -2.73
N HIS A 209 24.49 -5.63 -2.13
CA HIS A 209 23.36 -6.49 -2.45
C HIS A 209 22.05 -5.72 -2.36
N VAL A 210 21.00 -6.37 -2.88
CA VAL A 210 19.64 -5.87 -2.85
C VAL A 210 18.71 -7.06 -2.68
N ALA A 211 17.52 -6.82 -2.14
CA ALA A 211 16.57 -7.89 -1.89
C ALA A 211 16.08 -8.49 -3.20
N ARG A 212 15.70 -9.78 -3.14
CA ARG A 212 15.22 -10.48 -4.33
C ARG A 212 13.88 -9.93 -4.83
N SER A 213 13.12 -9.26 -3.97
CA SER A 213 11.85 -8.69 -4.41
C SER A 213 12.07 -7.45 -5.27
N GLU A 214 13.04 -6.62 -4.91
CA GLU A 214 13.35 -5.40 -5.63
C GLU A 214 14.49 -5.56 -6.62
N MET A 215 15.06 -6.76 -6.75
CA MET A 215 16.21 -6.94 -7.63
C MET A 215 15.85 -6.84 -9.10
N ASP A 216 14.58 -7.05 -9.47
CA ASP A 216 14.16 -6.99 -10.86
C ASP A 216 13.71 -5.61 -11.29
N LYS A 217 13.85 -4.60 -10.43
CA LYS A 217 13.45 -3.23 -10.73
C LYS A 217 14.58 -2.25 -10.48
N VAL A 218 15.83 -2.70 -10.61
CA VAL A 218 16.98 -1.85 -10.34
C VAL A 218 18.18 -2.43 -11.05
N ARG A 219 19.13 -1.56 -11.41
CA ARG A 219 20.40 -2.00 -11.99
C ARG A 219 21.49 -1.01 -11.59
N VAL A 220 22.65 -1.54 -11.22
CA VAL A 220 23.77 -0.76 -10.71
C VAL A 220 24.99 -1.03 -11.58
N PHE A 221 25.63 0.04 -12.03
CA PHE A 221 26.84 -0.03 -12.83
C PHE A 221 28.00 0.58 -12.05
N GLN A 222 29.10 -0.13 -11.95
CA GLN A 222 30.30 0.39 -11.29
C GLN A 222 31.14 1.16 -12.29
N ALA A 223 31.47 2.41 -11.95
CA ALA A 223 32.24 3.27 -12.85
C ALA A 223 33.72 3.00 -12.68
N THR A 224 34.38 2.66 -13.77
CA THR A 224 35.81 2.37 -13.75
C THR A 224 36.61 3.49 -14.41
N LYS A 231 33.46 0.99 -19.90
CA LYS A 231 33.83 1.42 -18.57
C LYS A 231 32.83 0.96 -17.53
N CYS A 232 31.56 1.31 -17.73
CA CYS A 232 30.52 0.94 -16.78
C CYS A 232 30.19 -0.54 -16.90
N SER A 233 30.45 -1.29 -15.83
CA SER A 233 30.16 -2.71 -15.76
C SER A 233 29.09 -2.98 -14.72
N VAL A 234 28.12 -3.83 -15.06
CA VAL A 234 27.00 -4.10 -14.19
C VAL A 234 27.45 -4.97 -13.02
N VAL A 235 27.00 -4.62 -11.81
CA VAL A 235 27.29 -5.40 -10.61
C VAL A 235 26.02 -5.98 -10.00
N LEU A 236 24.92 -5.23 -9.99
CA LEU A 236 23.65 -5.67 -9.46
C LEU A 236 22.57 -5.45 -10.50
N GLY A 237 21.60 -6.35 -10.57
CA GLY A 237 20.53 -6.24 -11.52
C GLY A 237 19.49 -7.32 -11.38
N PRO A 238 18.61 -7.46 -12.38
CA PRO A 238 17.57 -8.49 -12.32
C PRO A 238 18.10 -9.92 -12.36
N LYS A 239 19.40 -10.12 -12.54
CA LYS A 239 19.99 -11.45 -12.56
C LYS A 239 20.88 -11.71 -11.35
N TRP A 240 21.79 -10.79 -11.03
CA TRP A 240 22.68 -10.94 -9.89
C TRP A 240 22.18 -10.10 -8.72
N PRO A 241 21.75 -10.71 -7.62
CA PRO A 241 21.33 -9.93 -6.46
C PRO A 241 22.44 -9.60 -5.47
N SER A 242 23.68 -10.01 -5.74
CA SER A 242 24.79 -9.74 -4.86
C SER A 242 26.06 -9.58 -5.69
N HIS A 243 27.00 -8.81 -5.17
CA HIS A 243 28.30 -8.65 -5.81
C HIS A 243 29.39 -8.52 -4.76
N TYR A 244 30.55 -9.08 -5.06
CA TYR A 244 31.71 -9.11 -4.17
C TYR A 244 32.66 -7.99 -4.61
N LEU A 245 32.56 -6.85 -3.95
CA LEU A 245 33.38 -5.70 -4.31
C LEU A 245 34.86 -5.97 -4.02
N MET A 246 35.73 -5.43 -4.87
CA MET A 246 37.17 -5.55 -4.73
C MET A 246 37.72 -4.17 -4.37
N VAL A 247 38.15 -4.01 -3.12
CA VAL A 247 38.60 -2.72 -2.63
C VAL A 247 40.06 -2.82 -2.18
N PRO A 248 40.92 -1.88 -2.56
CA PRO A 248 42.29 -1.87 -2.03
C PRO A 248 42.39 -1.15 -0.70
N GLY A 249 43.46 -1.47 0.02
CA GLY A 249 43.68 -0.85 1.31
C GLY A 249 44.07 0.61 1.19
N GLY A 250 43.91 1.33 2.30
CA GLY A 250 44.18 2.75 2.33
C GLY A 250 42.90 3.56 2.18
N LYS A 251 42.97 4.59 1.32
CA LYS A 251 41.82 5.43 1.02
C LYS A 251 41.33 5.11 -0.39
N HIS A 252 40.03 4.87 -0.52
CA HIS A 252 39.46 4.49 -1.81
C HIS A 252 38.04 5.02 -1.93
N ASN A 253 37.72 5.57 -3.10
CA ASN A 253 36.37 6.00 -3.44
C ASN A 253 35.91 5.24 -4.67
N MET A 254 34.70 4.68 -4.60
CA MET A 254 34.09 3.98 -5.73
C MET A 254 32.76 4.64 -6.08
N ASP A 255 32.46 4.66 -7.37
CA ASP A 255 31.26 5.30 -7.89
C ASP A 255 30.33 4.27 -8.51
N PHE A 256 29.05 4.35 -8.17
CA PHE A 256 28.03 3.48 -8.72
C PHE A 256 26.92 4.32 -9.31
N TYR A 257 26.41 3.90 -10.46
CA TYR A 257 25.28 4.56 -11.11
C TYR A 257 24.08 3.63 -11.04
N VAL A 258 23.00 4.10 -10.44
CA VAL A 258 21.81 3.31 -10.20
C VAL A 258 20.70 3.78 -11.14
N GLU A 259 19.99 2.83 -11.72
CA GLU A 259 18.85 3.10 -12.57
C GLU A 259 17.71 2.17 -12.21
N ALA A 260 16.49 2.62 -12.46
CA ALA A 260 15.28 1.86 -12.19
C ALA A 260 14.69 1.33 -13.49
N LEU A 261 14.01 0.19 -13.40
CA LEU A 261 13.44 -0.46 -14.56
C LEU A 261 11.92 -0.52 -14.53
N ALA A 262 11.27 0.01 -13.50
CA ALA A 262 9.82 -0.08 -13.39
C ALA A 262 9.27 1.11 -12.62
N PHE A 263 8.15 1.64 -13.09
CA PHE A 263 7.45 2.69 -12.38
C PHE A 263 6.71 2.11 -11.18
N PRO A 264 6.41 2.93 -10.18
CA PRO A 264 5.58 2.44 -9.07
C PRO A 264 4.22 1.97 -9.56
N ASP A 265 3.76 0.85 -9.00
CA ASP A 265 2.51 0.24 -9.40
C ASP A 265 1.83 -0.32 -8.15
N THR A 266 0.75 -1.08 -8.36
CA THR A 266 0.05 -1.70 -7.24
C THR A 266 0.88 -2.79 -6.58
N ASP A 267 1.83 -3.38 -7.30
CA ASP A 267 2.70 -4.42 -6.76
C ASP A 267 4.10 -3.89 -6.43
N PHE A 268 4.28 -2.57 -6.42
CA PHE A 268 5.59 -1.96 -6.18
C PHE A 268 5.36 -0.63 -5.47
N PRO A 269 5.58 -0.57 -4.16
CA PRO A 269 5.43 0.71 -3.44
C PRO A 269 6.34 1.81 -3.97
N GLY A 270 7.55 1.46 -4.42
CA GLY A 270 8.43 2.45 -5.01
C GLY A 270 9.74 2.64 -4.27
N LEU A 271 9.99 1.83 -3.24
CA LEU A 271 11.17 1.96 -2.41
C LEU A 271 12.14 0.83 -2.69
N ILE A 272 13.42 1.18 -2.88
CA ILE A 272 14.48 0.21 -3.15
C ILE A 272 15.62 0.46 -2.17
N THR A 273 16.06 -0.59 -1.49
CA THR A 273 17.11 -0.48 -0.49
C THR A 273 18.35 -1.22 -0.99
N LEU A 274 19.47 -0.51 -1.06
CA LEU A 274 20.75 -1.09 -1.45
C LEU A 274 21.64 -1.18 -0.22
N THR A 275 22.18 -2.37 0.05
CA THR A 275 22.88 -2.64 1.28
C THR A 275 24.34 -2.98 1.00
N ILE A 276 25.23 -2.51 1.88
CA ILE A 276 26.64 -2.87 1.88
C ILE A 276 26.91 -3.61 3.19
N SER A 277 27.59 -4.76 3.08
CA SER A 277 27.88 -5.62 4.22
C SER A 277 29.38 -5.88 4.29
N LEU A 278 29.94 -5.65 5.47
CA LEU A 278 31.33 -5.99 5.74
C LEU A 278 31.36 -7.29 6.52
N LEU A 279 32.00 -8.31 5.93
CA LEU A 279 32.04 -9.67 6.47
C LEU A 279 33.47 -10.01 6.87
N ASP A 280 33.62 -10.77 7.94
CA ASP A 280 34.93 -11.27 8.35
C ASP A 280 35.21 -12.59 7.66
N THR A 281 36.42 -12.73 7.12
CA THR A 281 36.84 -13.95 6.42
C THR A 281 38.24 -14.33 6.92
N SER A 282 38.40 -14.37 8.24
CA SER A 282 39.69 -14.70 8.82
C SER A 282 40.02 -16.17 8.66
N ASN A 283 39.04 -17.04 8.91
CA ASN A 283 39.23 -18.48 8.84
C ASN A 283 38.66 -19.01 7.53
N LEU A 284 39.44 -19.84 6.83
CA LEU A 284 39.00 -20.36 5.54
C LEU A 284 37.89 -21.39 5.69
N GLU A 285 38.04 -22.33 6.64
CA GLU A 285 37.03 -23.36 6.82
C GLU A 285 35.72 -22.78 7.34
N LEU A 286 35.81 -21.85 8.30
CA LEU A 286 34.61 -21.26 8.86
C LEU A 286 33.94 -20.35 7.83
N PRO A 287 32.60 -20.32 7.81
CA PRO A 287 31.90 -19.42 6.89
C PRO A 287 32.07 -17.97 7.28
N GLU A 288 31.88 -17.09 6.30
CA GLU A 288 32.00 -15.66 6.54
C GLU A 288 30.90 -15.17 7.47
N ALA A 289 31.28 -14.32 8.42
CA ALA A 289 30.35 -13.77 9.40
C ALA A 289 30.21 -12.27 9.18
N VAL A 290 28.97 -11.80 9.20
CA VAL A 290 28.68 -10.39 8.95
C VAL A 290 29.10 -9.57 10.16
N VAL A 291 29.88 -8.52 9.92
CA VAL A 291 30.36 -7.65 10.99
C VAL A 291 29.77 -6.25 10.91
N PHE A 292 29.47 -5.75 9.71
CA PHE A 292 28.93 -4.40 9.58
C PHE A 292 27.89 -4.39 8.46
N GLN A 293 26.93 -3.50 8.57
CA GLN A 293 25.91 -3.37 7.53
C GLN A 293 25.42 -1.92 7.49
N ASP A 294 25.38 -1.36 6.27
CA ASP A 294 24.83 -0.03 6.03
C ASP A 294 23.90 -0.11 4.83
N SER A 295 22.96 0.83 4.74
CA SER A 295 21.97 0.77 3.68
C SER A 295 21.62 2.17 3.20
N VAL A 296 21.15 2.24 1.96
CA VAL A 296 20.68 3.47 1.34
C VAL A 296 19.34 3.19 0.67
N VAL A 297 18.37 4.08 0.91
CA VAL A 297 17.00 3.89 0.44
C VAL A 297 16.71 4.93 -0.65
N PHE A 298 16.26 4.44 -1.81
CA PHE A 298 15.84 5.26 -2.92
C PHE A 298 14.33 5.12 -3.11
N ARG A 299 13.71 6.18 -3.61
CA ARG A 299 12.31 6.14 -4.03
C ARG A 299 12.23 6.45 -5.51
N VAL A 300 11.47 5.66 -6.25
CA VAL A 300 11.33 5.86 -7.69
C VAL A 300 10.38 7.04 -7.93
N ALA A 301 10.81 7.97 -8.77
CA ALA A 301 10.02 9.16 -9.04
C ALA A 301 8.74 8.79 -9.78
N PRO A 302 7.58 9.25 -9.34
CA PRO A 302 6.32 8.89 -10.01
C PRO A 302 6.13 9.67 -11.30
N TRP A 303 5.12 9.25 -12.05
CA TRP A 303 4.71 9.91 -13.28
C TRP A 303 3.69 10.99 -12.95
N ILE A 304 3.93 12.21 -13.43
CA ILE A 304 3.16 13.39 -13.03
C ILE A 304 2.56 14.04 -14.27
N MET A 305 1.27 14.34 -14.20
CA MET A 305 0.56 15.03 -15.26
C MET A 305 0.74 16.55 -15.12
N THR A 306 0.32 17.28 -16.17
CA THR A 306 0.39 18.73 -16.18
C THR A 306 -0.95 19.29 -16.66
N PRO A 307 -1.54 20.24 -15.92
CA PRO A 307 -2.85 20.78 -16.34
C PRO A 307 -2.76 21.83 -17.43
N ASN A 308 -3.89 22.45 -17.77
CA ASN A 308 -3.95 23.44 -18.82
C ASN A 308 -3.41 24.80 -18.39
N THR A 309 -3.14 25.01 -17.11
CA THR A 309 -2.61 26.27 -16.63
C THR A 309 -1.10 26.38 -16.77
N GLN A 310 -0.41 25.28 -17.07
CA GLN A 310 1.02 25.32 -17.29
C GLN A 310 1.34 25.86 -18.68
N PRO A 311 2.46 26.58 -18.83
CA PRO A 311 2.83 27.12 -20.14
C PRO A 311 3.07 26.00 -21.14
N PRO A 312 2.66 26.19 -22.40
CA PRO A 312 2.88 25.17 -23.41
C PRO A 312 4.27 25.26 -24.02
N GLN A 313 4.73 24.14 -24.55
CA GLN A 313 6.04 24.04 -25.19
C GLN A 313 5.98 23.43 -26.58
N GLU A 314 5.11 22.45 -26.80
CA GLU A 314 5.00 21.79 -28.10
C GLU A 314 3.58 21.29 -28.30
N VAL A 315 3.07 21.43 -29.52
CA VAL A 315 1.71 21.03 -29.87
C VAL A 315 1.78 19.99 -30.98
N TYR A 316 1.08 18.88 -30.78
CA TYR A 316 1.03 17.79 -31.75
C TYR A 316 -0.29 17.83 -32.51
N ALA A 317 -0.25 17.39 -33.75
CA ALA A 317 -1.43 17.36 -34.62
C ALA A 317 -1.22 16.33 -35.70
N CYS A 318 -2.31 15.97 -36.36
CA CYS A 318 -2.30 14.98 -37.44
C CYS A 318 -2.72 15.64 -38.75
N SER A 319 -2.15 15.15 -39.85
CA SER A 319 -2.43 15.67 -41.18
C SER A 319 -3.15 14.58 -41.99
N ILE A 320 -4.47 14.51 -41.82
CA ILE A 320 -5.31 13.63 -42.60
C ILE A 320 -5.81 14.41 -43.82
N PHE A 321 -6.40 13.69 -44.77
CA PHE A 321 -6.98 14.35 -45.94
C PHE A 321 -7.99 15.41 -45.52
N GLU A 322 -8.07 16.48 -46.32
CA GLU A 322 -8.94 17.64 -46.14
C GLU A 322 -8.76 18.32 -44.79
N ASN A 323 -7.70 18.01 -44.06
CA ASN A 323 -7.38 18.68 -42.80
C ASN A 323 -6.32 19.76 -43.04
N GLU A 324 -6.75 20.83 -43.69
CA GLU A 324 -5.86 21.91 -44.09
C GLU A 324 -6.15 23.23 -43.39
N ASP A 325 -7.41 23.68 -43.39
CA ASP A 325 -7.74 24.93 -42.69
C ASP A 325 -7.59 24.77 -41.19
N PHE A 326 -7.98 23.61 -40.65
CA PHE A 326 -7.78 23.34 -39.22
C PHE A 326 -6.29 23.37 -38.87
N LEU A 327 -5.45 22.77 -39.71
CA LEU A 327 -4.02 22.79 -39.46
C LEU A 327 -3.45 24.21 -39.57
N LYS A 328 -3.98 25.00 -40.51
CA LYS A 328 -3.53 26.39 -40.63
C LYS A 328 -3.88 27.18 -39.38
N SER A 329 -5.10 27.02 -38.87
CA SER A 329 -5.49 27.70 -37.64
C SER A 329 -4.63 27.25 -36.46
N VAL A 330 -4.34 25.95 -36.38
CA VAL A 330 -3.51 25.44 -35.30
C VAL A 330 -2.10 26.02 -35.39
N THR A 331 -1.55 26.09 -36.60
CA THR A 331 -0.22 26.67 -36.78
C THR A 331 -0.20 28.14 -36.36
N THR A 332 -1.23 28.90 -36.76
CA THR A 332 -1.29 30.30 -36.36
C THR A 332 -1.38 30.45 -34.86
N LEU A 333 -2.21 29.64 -34.21
CA LEU A 333 -2.35 29.70 -32.76
C LEU A 333 -1.05 29.33 -32.06
N ALA A 334 -0.36 28.30 -32.55
CA ALA A 334 0.91 27.91 -31.95
C ALA A 334 1.97 28.99 -32.13
N MET A 335 2.01 29.62 -33.32
CA MET A 335 2.97 30.69 -33.54
C MET A 335 2.68 31.87 -32.62
N LYS A 336 1.40 32.21 -32.42
CA LYS A 336 1.05 33.28 -31.50
C LYS A 336 1.44 32.93 -30.06
N ALA A 337 1.26 31.67 -29.68
CA ALA A 337 1.60 31.22 -28.33
C ALA A 337 3.08 30.91 -28.16
N LYS A 338 3.88 31.03 -29.22
CA LYS A 338 5.32 30.83 -29.17
C LYS A 338 5.67 29.40 -28.75
N CYS A 339 5.22 28.44 -29.57
CA CYS A 339 5.53 27.04 -29.36
C CYS A 339 5.64 26.35 -30.71
N LYS A 340 6.34 25.22 -30.74
CA LYS A 340 6.57 24.50 -31.97
C LYS A 340 5.42 23.54 -32.26
N LEU A 341 5.42 22.99 -33.47
CA LEU A 341 4.39 22.06 -33.91
C LEU A 341 5.04 20.77 -34.40
N THR A 342 4.33 19.66 -34.19
CA THR A 342 4.75 18.35 -34.66
C THR A 342 3.56 17.71 -35.38
N ILE A 343 3.66 17.56 -36.69
CA ILE A 343 2.57 17.06 -37.53
C ILE A 343 2.93 15.66 -37.99
N CYS A 344 2.01 14.71 -37.78
CA CYS A 344 2.20 13.34 -38.22
C CYS A 344 1.66 13.20 -39.64
N PRO A 345 2.47 12.77 -40.61
CA PRO A 345 1.97 12.63 -41.98
C PRO A 345 0.94 11.53 -42.11
N GLU A 346 0.08 11.67 -43.11
CA GLU A 346 -0.98 10.69 -43.34
C GLU A 346 -0.42 9.29 -43.57
N GLU A 347 0.80 9.20 -44.09
CA GLU A 347 1.44 7.89 -44.27
C GLU A 347 1.69 7.18 -42.96
N GLU A 348 1.67 7.91 -41.83
CA GLU A 348 1.81 7.33 -40.51
C GLU A 348 0.53 7.42 -39.68
N ASN A 349 -0.41 8.29 -40.06
CA ASN A 349 -1.68 8.37 -39.34
C ASN A 349 -2.48 7.08 -39.47
N MET A 350 -2.42 6.45 -40.64
CA MET A 350 -3.35 5.38 -41.01
C MET A 350 -4.80 5.84 -40.86
N ASP A 351 -5.06 7.07 -41.33
CA ASP A 351 -6.39 7.67 -41.32
C ASP A 351 -6.94 7.83 -39.90
N ASP A 352 -6.06 8.06 -38.93
CA ASP A 352 -6.44 8.32 -37.56
C ASP A 352 -6.06 9.76 -37.21
N GLN A 353 -7.05 10.53 -36.76
CA GLN A 353 -6.86 11.96 -36.50
C GLN A 353 -7.02 12.32 -35.03
N TRP A 354 -7.19 11.33 -34.16
CA TRP A 354 -7.46 11.58 -32.74
C TRP A 354 -6.15 11.53 -31.96
N MET A 355 -5.43 12.65 -32.01
CA MET A 355 -4.13 12.74 -31.36
C MET A 355 -4.25 12.69 -29.83
N GLN A 356 -5.31 13.27 -29.29
CA GLN A 356 -5.44 13.38 -27.84
C GLN A 356 -5.61 12.01 -27.19
N ASP A 357 -6.38 11.12 -27.82
CA ASP A 357 -6.75 9.87 -27.17
C ASP A 357 -5.59 8.88 -27.11
N GLU A 358 -4.64 8.96 -28.04
CA GLU A 358 -3.64 7.91 -28.16
C GLU A 358 -2.60 7.97 -27.05
N MET A 359 -2.20 9.16 -26.61
CA MET A 359 -1.12 9.28 -25.64
C MET A 359 -1.38 10.46 -24.73
N GLU A 360 -0.71 10.44 -23.57
CA GLU A 360 -0.76 11.54 -22.63
C GLU A 360 0.66 11.85 -22.16
N ILE A 361 1.02 13.13 -22.15
CA ILE A 361 2.40 13.53 -21.87
C ILE A 361 2.48 14.07 -20.45
N GLY A 362 3.38 13.50 -19.66
CA GLY A 362 3.70 14.02 -18.34
C GLY A 362 5.20 14.13 -18.19
N TYR A 363 5.72 14.10 -16.97
CA TYR A 363 7.16 14.23 -16.77
C TYR A 363 7.58 13.45 -15.54
N ILE A 364 8.90 13.25 -15.41
CA ILE A 364 9.52 12.73 -14.20
C ILE A 364 10.73 13.59 -13.87
N GLN A 365 10.88 13.94 -12.59
CA GLN A 365 11.92 14.84 -12.15
C GLN A 365 12.62 14.29 -10.92
N ALA A 366 13.88 14.69 -10.76
CA ALA A 366 14.74 14.29 -9.66
C ALA A 366 15.76 15.39 -9.46
N PRO A 367 16.35 15.48 -8.25
CA PRO A 367 17.25 16.62 -7.94
C PRO A 367 18.36 16.86 -8.95
N HIS A 368 18.60 15.90 -9.85
CA HIS A 368 19.65 16.05 -10.85
C HIS A 368 19.15 16.12 -12.28
N LYS A 369 17.93 15.63 -12.57
CA LYS A 369 17.49 15.54 -13.96
C LYS A 369 15.98 15.50 -14.02
N THR A 370 15.41 16.22 -14.99
CA THR A 370 13.98 16.16 -15.28
C THR A 370 13.79 15.90 -16.77
N LEU A 371 12.77 15.12 -17.12
CA LEU A 371 12.55 14.78 -18.51
C LEU A 371 11.10 14.37 -18.70
N PRO A 372 10.51 14.68 -19.86
CA PRO A 372 9.13 14.28 -20.11
C PRO A 372 9.02 12.78 -20.40
N VAL A 373 7.80 12.27 -20.20
CA VAL A 373 7.46 10.88 -20.43
C VAL A 373 6.12 10.84 -21.15
N VAL A 374 5.96 9.87 -22.05
CA VAL A 374 4.71 9.68 -22.78
C VAL A 374 4.07 8.38 -22.30
N PHE A 375 2.81 8.47 -21.89
CA PHE A 375 1.99 7.35 -21.47
C PHE A 375 1.13 6.91 -22.65
N ASP A 376 1.30 5.67 -23.08
CA ASP A 376 0.63 5.12 -24.25
C ASP A 376 -0.68 4.46 -23.82
N SER A 377 -1.78 4.89 -24.43
CA SER A 377 -3.07 4.32 -24.11
C SER A 377 -3.18 2.88 -24.60
N PRO A 378 -3.93 2.03 -23.89
CA PRO A 378 -4.16 0.66 -24.40
C PRO A 378 -4.84 0.63 -25.74
N ARG A 379 -5.60 1.66 -26.10
CA ARG A 379 -6.16 1.75 -27.44
C ARG A 379 -5.06 1.81 -28.48
N ASN A 380 -5.19 1.02 -29.54
CA ASN A 380 -4.21 0.96 -30.63
C ASN A 380 -4.97 1.04 -31.94
N ARG A 381 -5.18 2.27 -32.43
CA ARG A 381 -5.91 2.52 -33.67
C ARG A 381 -5.11 3.51 -34.51
N GLY A 382 -4.40 3.00 -35.51
CA GLY A 382 -3.68 3.86 -36.45
C GLY A 382 -2.45 4.53 -35.87
N LEU A 383 -2.62 5.27 -34.78
CA LEU A 383 -1.52 5.97 -34.13
C LEU A 383 -0.83 5.12 -33.08
N LYS A 384 -0.89 3.80 -33.20
CA LYS A 384 -0.29 2.92 -32.20
C LYS A 384 1.23 2.95 -32.25
N GLU A 385 1.83 3.41 -33.35
CA GLU A 385 3.28 3.43 -33.48
C GLU A 385 3.88 4.82 -33.27
N PHE A 386 3.07 5.87 -33.27
CA PHE A 386 3.62 7.21 -33.08
C PHE A 386 4.29 7.41 -31.73
N PRO A 387 3.67 7.07 -30.59
CA PRO A 387 4.36 7.32 -29.30
C PRO A 387 5.61 6.50 -29.11
N ILE A 388 5.82 5.43 -29.88
CA ILE A 388 6.99 4.58 -29.72
C ILE A 388 8.06 4.85 -30.78
N LYS A 389 7.70 5.47 -31.91
CA LYS A 389 8.66 5.71 -32.98
C LYS A 389 8.98 7.17 -33.22
N ARG A 390 8.08 8.10 -32.87
CA ARG A 390 8.29 9.51 -33.17
C ARG A 390 8.13 10.41 -31.94
N VAL A 391 7.96 9.84 -30.75
CA VAL A 391 7.87 10.64 -29.53
C VAL A 391 9.04 10.30 -28.62
N MET A 392 9.17 9.02 -28.27
CA MET A 392 10.25 8.58 -27.39
C MET A 392 11.59 8.71 -28.10
N GLY A 393 12.54 9.36 -27.43
CA GLY A 393 13.87 9.54 -27.97
C GLY A 393 14.84 9.99 -26.90
N PRO A 394 15.79 10.84 -27.27
CA PRO A 394 16.72 11.39 -26.27
C PRO A 394 15.97 12.30 -25.30
N ASP A 395 16.11 12.01 -24.00
CA ASP A 395 15.44 12.78 -22.94
C ASP A 395 13.93 12.82 -23.14
N PHE A 396 13.35 11.68 -23.50
CA PHE A 396 11.89 11.56 -23.67
C PHE A 396 11.53 10.10 -23.42
N GLY A 397 11.02 9.82 -22.22
CA GLY A 397 10.73 8.46 -21.82
C GLY A 397 9.37 7.97 -22.30
N TYR A 398 9.17 6.66 -22.17
CA TYR A 398 7.96 6.00 -22.64
C TYR A 398 7.47 5.01 -21.59
N VAL A 399 6.15 4.94 -21.42
CA VAL A 399 5.54 4.00 -20.49
C VAL A 399 4.17 3.63 -21.04
N THR A 400 3.75 2.40 -20.78
CA THR A 400 2.45 1.92 -21.25
C THR A 400 1.91 0.89 -20.27
N ARG A 401 0.58 0.75 -20.27
CA ARG A 401 -0.10 -0.20 -19.41
C ARG A 401 -1.31 -0.76 -20.16
N GLY A 402 -1.97 -1.73 -19.54
CA GLY A 402 -3.19 -2.29 -20.08
C GLY A 402 -2.96 -3.43 -21.05
N PRO A 403 -4.04 -4.10 -21.46
CA PRO A 403 -3.92 -5.20 -22.42
C PRO A 403 -3.71 -4.66 -23.84
N GLN A 404 -2.56 -4.96 -24.42
CA GLN A 404 -2.22 -4.43 -25.73
C GLN A 404 -3.13 -5.00 -26.82
N THR A 405 -3.41 -6.31 -26.75
CA THR A 405 -4.26 -6.97 -27.74
C THR A 405 -5.58 -7.45 -27.16
N GLY A 406 -5.86 -7.13 -25.90
CA GLY A 406 -7.08 -7.59 -25.26
C GLY A 406 -8.26 -6.69 -25.55
N GLY A 407 -9.33 -6.91 -24.79
CA GLY A 407 -10.56 -6.15 -24.93
C GLY A 407 -10.61 -4.99 -23.96
N ILE A 408 -10.98 -3.83 -24.49
CA ILE A 408 -11.09 -2.60 -23.72
C ILE A 408 -12.34 -1.86 -24.17
N SER A 409 -12.59 -0.71 -23.56
CA SER A 409 -13.76 0.11 -23.85
C SER A 409 -13.32 1.47 -24.39
N GLY A 410 -14.30 2.31 -24.69
CA GLY A 410 -14.02 3.65 -25.16
C GLY A 410 -13.63 4.64 -24.09
N LEU A 411 -13.72 4.23 -22.82
CA LEU A 411 -13.31 5.08 -21.70
C LEU A 411 -11.83 4.95 -21.39
N ASP A 412 -11.10 4.08 -22.09
CA ASP A 412 -9.67 3.95 -21.92
C ASP A 412 -8.88 4.96 -22.73
N SER A 413 -9.51 5.66 -23.68
CA SER A 413 -8.83 6.69 -24.44
C SER A 413 -8.44 7.85 -23.53
N PHE A 414 -7.25 8.38 -23.73
CA PHE A 414 -6.70 9.39 -22.83
C PHE A 414 -7.29 10.78 -23.06
N GLY A 415 -8.36 10.90 -23.84
CA GLY A 415 -9.19 12.08 -23.76
C GLY A 415 -10.12 12.09 -22.57
N ASN A 416 -10.24 10.95 -21.90
CA ASN A 416 -10.99 10.79 -20.67
C ASN A 416 -10.15 11.06 -19.43
N LEU A 417 -8.85 11.29 -19.59
CA LEU A 417 -7.93 11.52 -18.47
C LEU A 417 -7.49 12.97 -18.51
N GLU A 418 -7.74 13.69 -17.42
CA GLU A 418 -7.33 15.08 -17.31
C GLU A 418 -6.79 15.33 -15.90
N VAL A 419 -6.32 16.54 -15.65
CA VAL A 419 -5.77 16.89 -14.34
C VAL A 419 -6.09 18.36 -14.07
N SER A 420 -6.35 18.67 -12.80
CA SER A 420 -6.76 19.97 -12.31
C SER A 420 -5.56 20.79 -11.86
N PRO A 421 -5.71 22.10 -11.73
CA PRO A 421 -4.64 22.94 -11.18
C PRO A 421 -4.46 22.66 -9.69
N PRO A 422 -3.36 23.13 -9.10
CA PRO A 422 -3.15 22.93 -7.66
C PRO A 422 -4.29 23.53 -6.85
N VAL A 423 -4.70 22.80 -5.81
CA VAL A 423 -5.89 23.16 -5.05
C VAL A 423 -5.71 22.83 -3.57
N THR A 424 -6.37 23.63 -2.72
CA THR A 424 -6.43 23.37 -1.29
C THR A 424 -7.84 22.93 -0.94
N VAL A 425 -7.97 21.72 -0.42
CA VAL A 425 -9.25 21.12 -0.08
C VAL A 425 -9.28 20.93 1.44
N ARG A 426 -10.01 21.81 2.13
CA ARG A 426 -10.23 21.69 3.58
C ARG A 426 -8.92 21.51 4.34
N GLY A 427 -7.92 22.30 3.96
CA GLY A 427 -6.64 22.23 4.62
C GLY A 427 -5.62 21.39 3.87
N LYS A 428 -6.07 20.27 3.29
CA LYS A 428 -5.16 19.42 2.55
C LYS A 428 -4.68 20.12 1.29
N GLU A 429 -3.40 19.96 0.97
CA GLU A 429 -2.78 20.67 -0.15
C GLU A 429 -2.52 19.70 -1.30
N TYR A 430 -2.78 20.16 -2.52
CA TYR A 430 -2.44 19.43 -3.74
C TYR A 430 -1.71 20.42 -4.64
N PRO A 431 -0.39 20.57 -4.47
CA PRO A 431 0.37 21.54 -5.27
C PRO A 431 0.60 21.11 -6.71
N LEU A 432 0.24 19.88 -7.07
CA LEU A 432 0.34 19.41 -8.44
C LEU A 432 -1.02 19.17 -9.08
N GLY A 433 -2.09 19.30 -8.32
CA GLY A 433 -3.43 19.06 -8.83
C GLY A 433 -3.92 17.66 -8.51
N ARG A 434 -5.09 17.35 -9.08
CA ARG A 434 -5.70 16.04 -8.91
C ARG A 434 -6.12 15.50 -10.27
N ILE A 435 -6.01 14.19 -10.42
CA ILE A 435 -6.34 13.51 -11.67
C ILE A 435 -7.83 13.24 -11.73
N LEU A 436 -8.44 13.50 -12.89
CA LEU A 436 -9.87 13.28 -13.09
C LEU A 436 -10.08 12.37 -14.29
N PHE A 437 -10.91 11.35 -14.10
CA PHE A 437 -11.29 10.47 -15.19
C PHE A 437 -12.73 10.03 -14.99
N GLY A 438 -13.35 9.60 -16.09
CA GLY A 438 -14.77 9.31 -16.08
C GLY A 438 -15.10 7.86 -15.75
N ASP A 439 -16.29 7.68 -15.18
CA ASP A 439 -16.79 6.35 -14.83
C ASP A 439 -18.31 6.39 -14.92
N SER A 440 -18.96 5.39 -14.35
CA SER A 440 -20.41 5.32 -14.29
C SER A 440 -20.90 5.52 -12.86
N CYS A 441 -22.21 5.65 -12.71
CA CYS A 441 -22.79 5.83 -11.39
C CYS A 441 -22.64 4.56 -10.56
N TYR A 442 -23.02 3.41 -11.12
CA TYR A 442 -22.88 2.12 -10.45
C TYR A 442 -22.59 1.06 -11.50
N PRO A 443 -21.89 0.00 -11.13
CA PRO A 443 -21.62 -1.07 -12.10
C PRO A 443 -22.90 -1.80 -12.50
N SER A 444 -22.90 -2.26 -13.75
CA SER A 444 -24.03 -2.99 -14.31
C SER A 444 -23.54 -3.75 -15.54
N ASN A 445 -24.48 -4.31 -16.31
CA ASN A 445 -24.10 -5.09 -17.48
C ASN A 445 -23.63 -4.20 -18.63
N ASP A 446 -24.31 -3.08 -18.84
CA ASP A 446 -24.02 -2.20 -19.96
C ASP A 446 -23.02 -1.10 -19.62
N SER A 447 -22.60 -0.98 -18.36
CA SER A 447 -21.72 0.09 -17.96
C SER A 447 -20.30 -0.12 -18.49
N ARG A 448 -19.56 0.98 -18.61
CA ARG A 448 -18.18 0.95 -19.03
C ARG A 448 -17.31 1.57 -17.94
N GLN A 449 -16.00 1.30 -18.02
CA GLN A 449 -15.07 1.83 -17.03
C GLN A 449 -13.68 1.87 -17.64
N MET A 450 -12.85 2.76 -17.09
CA MET A 450 -11.43 2.73 -17.38
C MET A 450 -10.80 1.46 -16.81
N HIS A 451 -9.80 0.93 -17.51
CA HIS A 451 -9.25 -0.36 -17.14
C HIS A 451 -8.64 -0.30 -15.75
N GLN A 452 -8.79 -1.41 -15.03
CA GLN A 452 -8.29 -1.47 -13.66
C GLN A 452 -6.77 -1.31 -13.61
N ALA A 453 -6.05 -1.80 -14.62
CA ALA A 453 -4.60 -1.63 -14.65
C ALA A 453 -4.24 -0.15 -14.66
N LEU A 454 -4.89 0.63 -15.53
CA LEU A 454 -4.65 2.06 -15.58
C LEU A 454 -5.07 2.72 -14.26
N GLN A 455 -6.17 2.28 -13.67
CA GLN A 455 -6.65 2.88 -12.43
C GLN A 455 -5.63 2.67 -11.30
N ASP A 456 -5.13 1.45 -11.15
CA ASP A 456 -4.12 1.22 -10.11
C ASP A 456 -2.80 1.89 -10.43
N PHE A 457 -2.44 2.04 -11.71
CA PHE A 457 -1.24 2.80 -12.04
C PHE A 457 -1.38 4.25 -11.59
N LEU A 458 -2.48 4.90 -11.96
CA LEU A 458 -2.69 6.30 -11.57
C LEU A 458 -2.80 6.45 -10.07
N SER A 459 -3.39 5.47 -9.38
CA SER A 459 -3.47 5.53 -7.92
C SER A 459 -2.10 5.33 -7.28
N ALA A 460 -1.25 4.48 -7.88
CA ALA A 460 0.10 4.27 -7.37
C ALA A 460 0.94 5.53 -7.52
N GLN A 461 0.72 6.31 -8.59
CA GLN A 461 1.33 7.62 -8.63
C GLN A 461 0.60 8.52 -7.63
N GLN A 462 1.12 8.58 -6.40
CA GLN A 462 0.40 9.15 -5.27
C GLN A 462 0.34 10.67 -5.27
N VAL A 463 1.20 11.34 -6.05
CA VAL A 463 1.35 12.78 -5.94
C VAL A 463 0.06 13.49 -6.32
N GLN A 464 -0.78 12.88 -7.15
CA GLN A 464 -2.07 13.44 -7.53
C GLN A 464 -3.12 12.36 -7.35
N ALA A 465 -3.96 12.52 -6.33
CA ALA A 465 -4.99 11.52 -6.04
C ALA A 465 -6.08 11.58 -7.10
N PRO A 466 -6.35 10.49 -7.82
CA PRO A 466 -7.38 10.54 -8.87
C PRO A 466 -8.78 10.71 -8.29
N VAL A 467 -9.65 11.31 -9.10
CA VAL A 467 -11.05 11.54 -8.75
C VAL A 467 -11.91 10.95 -9.83
N LYS A 468 -12.91 10.16 -9.44
CA LYS A 468 -13.84 9.54 -10.38
C LYS A 468 -15.03 10.45 -10.64
N LEU A 469 -15.30 10.71 -11.91
CA LEU A 469 -16.43 11.52 -12.32
C LEU A 469 -17.41 10.70 -13.15
N TYR A 470 -18.67 11.12 -13.14
CA TYR A 470 -19.73 10.43 -13.87
C TYR A 470 -19.71 10.94 -15.31
N SER A 471 -19.15 10.13 -16.22
CA SER A 471 -19.06 10.50 -17.63
C SER A 471 -19.54 9.40 -18.56
N ASP A 472 -20.11 8.33 -18.02
CA ASP A 472 -20.61 7.23 -18.85
C ASP A 472 -21.90 7.58 -19.58
N TRP A 473 -22.60 8.64 -19.16
CA TRP A 473 -23.83 9.04 -19.83
C TRP A 473 -23.58 9.53 -21.25
N LEU A 474 -22.37 9.98 -21.56
CA LEU A 474 -22.04 10.43 -22.90
C LEU A 474 -21.89 9.23 -23.84
N SER A 475 -22.11 9.49 -25.13
CA SER A 475 -21.95 8.43 -26.12
C SER A 475 -20.50 7.98 -26.22
N VAL A 476 -19.56 8.93 -26.15
CA VAL A 476 -18.14 8.58 -26.19
C VAL A 476 -17.61 8.32 -24.78
N GLY A 477 -18.02 9.12 -23.80
CA GLY A 477 -17.63 8.91 -22.42
C GLY A 477 -16.32 9.55 -22.04
N HIS A 478 -16.11 10.80 -22.46
CA HIS A 478 -14.86 11.52 -22.21
C HIS A 478 -15.15 12.77 -21.39
N VAL A 479 -14.47 12.91 -20.25
CA VAL A 479 -14.69 14.05 -19.39
C VAL A 479 -14.30 15.36 -20.06
N ASP A 480 -13.49 15.31 -21.11
CA ASP A 480 -13.16 16.53 -21.84
C ASP A 480 -14.33 17.08 -22.65
N GLU A 481 -15.43 16.33 -22.77
CA GLU A 481 -16.56 16.80 -23.53
C GLU A 481 -17.49 17.73 -22.75
N PHE A 482 -17.30 17.84 -21.43
CA PHE A 482 -18.16 18.73 -20.66
C PHE A 482 -17.44 19.60 -19.63
N LEU A 483 -16.13 19.44 -19.41
CA LEU A 483 -15.42 20.27 -18.45
C LEU A 483 -14.08 20.71 -19.04
N SER A 484 -13.60 21.86 -18.56
CA SER A 484 -12.31 22.37 -18.99
C SER A 484 -11.80 23.33 -17.92
N PHE A 485 -10.50 23.64 -18.00
CA PHE A 485 -9.86 24.57 -17.08
C PHE A 485 -9.13 25.65 -17.88
N VAL A 486 -9.25 26.89 -17.42
CA VAL A 486 -8.58 28.02 -18.08
C VAL A 486 -7.84 28.84 -17.03
N PRO A 487 -6.79 29.56 -17.39
CA PRO A 487 -6.12 30.42 -16.41
C PRO A 487 -6.83 31.74 -16.21
N ALA A 488 -6.57 32.36 -15.06
CA ALA A 488 -7.15 33.64 -14.71
C ALA A 488 -6.29 34.30 -13.65
N PRO A 489 -6.02 35.62 -13.75
CA PRO A 489 -5.16 36.30 -12.79
C PRO A 489 -5.91 36.87 -11.58
N ASP A 490 -6.71 36.03 -10.92
CA ASP A 490 -7.41 36.45 -9.71
C ASP A 490 -7.91 35.19 -9.00
N ARG A 491 -8.27 35.38 -7.72
CA ARG A 491 -8.83 34.32 -6.87
C ARG A 491 -7.83 33.16 -6.83
N LYS A 492 -8.25 31.92 -7.01
CA LYS A 492 -7.35 30.78 -6.91
C LYS A 492 -6.37 30.70 -8.07
N GLY A 493 -6.58 31.47 -9.13
CA GLY A 493 -5.69 31.45 -10.27
C GLY A 493 -6.16 30.66 -11.46
N PHE A 494 -7.40 30.15 -11.44
CA PHE A 494 -7.93 29.40 -12.56
C PHE A 494 -9.45 29.54 -12.56
N ARG A 495 -10.06 29.08 -13.66
CA ARG A 495 -11.54 29.07 -13.77
C ARG A 495 -11.95 27.72 -14.39
N LEU A 496 -12.95 27.05 -13.84
CA LEU A 496 -13.47 25.79 -14.33
C LEU A 496 -14.69 26.07 -15.20
N LEU A 497 -14.62 25.68 -16.46
CA LEU A 497 -15.69 25.89 -17.41
C LEU A 497 -16.47 24.59 -17.59
N LEU A 498 -17.78 24.66 -17.41
CA LEU A 498 -18.67 23.50 -17.50
C LEU A 498 -19.77 23.78 -18.52
N ALA A 499 -20.09 22.77 -19.31
CA ALA A 499 -21.18 22.91 -20.28
C ALA A 499 -22.51 23.05 -19.54
N SER A 500 -23.39 23.90 -20.08
CA SER A 500 -24.67 24.20 -19.43
C SER A 500 -25.74 24.38 -20.50
N PRO A 501 -26.60 23.38 -20.70
CA PRO A 501 -27.75 23.56 -21.60
C PRO A 501 -28.68 24.68 -21.16
N ARG A 502 -28.79 24.88 -19.84
CA ARG A 502 -29.67 25.94 -19.31
C ARG A 502 -29.23 27.29 -19.87
N SER A 503 -27.92 27.57 -19.84
CA SER A 503 -27.43 28.85 -20.32
C SER A 503 -27.77 29.08 -21.79
N CYS A 504 -27.63 28.05 -22.62
CA CYS A 504 -27.97 28.18 -24.03
C CYS A 504 -29.46 28.42 -24.22
N TYR A 505 -30.30 27.70 -23.44
CA TYR A 505 -31.74 27.91 -23.55
C TYR A 505 -32.13 29.32 -23.10
N LYS A 506 -31.48 29.81 -22.05
CA LYS A 506 -31.74 31.19 -21.61
C LYS A 506 -31.32 32.19 -22.68
N LEU A 507 -30.16 31.97 -23.30
CA LEU A 507 -29.70 32.86 -24.36
C LEU A 507 -30.67 32.88 -25.53
N PHE A 508 -31.16 31.71 -25.94
CA PHE A 508 -32.14 31.67 -27.02
C PHE A 508 -33.44 32.34 -26.61
N GLN A 509 -33.82 32.21 -25.33
CA GLN A 509 -35.03 32.87 -24.86
C GLN A 509 -34.89 34.39 -24.95
N GLU A 510 -33.74 34.93 -24.52
CA GLU A 510 -33.52 36.37 -24.66
C GLU A 510 -33.49 36.81 -26.12
N GLN A 511 -32.88 35.99 -26.99
CA GLN A 511 -32.85 36.32 -28.41
C GLN A 511 -34.26 36.40 -28.98
N GLN A 512 -35.12 35.45 -28.62
CA GLN A 512 -36.50 35.48 -29.09
C GLN A 512 -37.28 36.64 -28.48
N ASN A 513 -37.00 36.97 -27.22
CA ASN A 513 -37.68 38.09 -26.58
C ASN A 513 -37.29 39.43 -27.22
N GLU A 514 -36.06 39.54 -27.70
CA GLU A 514 -35.58 40.77 -28.33
C GLU A 514 -35.99 40.88 -29.80
N GLY A 515 -37.00 40.13 -30.23
CA GLY A 515 -37.48 40.20 -31.60
C GLY A 515 -36.73 39.36 -32.61
N HIS A 516 -35.76 38.55 -32.17
CA HIS A 516 -34.98 37.70 -33.07
C HIS A 516 -35.37 36.25 -32.78
N GLY A 517 -36.43 35.79 -33.44
CA GLY A 517 -36.90 34.43 -33.26
C GLY A 517 -36.87 33.62 -34.53
N GLU A 518 -36.50 34.27 -35.64
CA GLU A 518 -36.40 33.62 -36.94
C GLU A 518 -34.95 33.42 -37.39
N ALA A 519 -33.98 33.67 -36.51
CA ALA A 519 -32.59 33.45 -36.85
C ALA A 519 -32.34 31.96 -37.05
N LEU A 520 -31.44 31.66 -37.99
CA LEU A 520 -31.20 30.29 -38.44
C LEU A 520 -29.88 29.79 -37.84
N LEU A 521 -29.99 28.88 -36.87
CA LEU A 521 -28.83 28.13 -36.43
C LEU A 521 -28.37 27.20 -37.54
N PHE A 522 -27.04 27.06 -37.67
CA PHE A 522 -26.37 26.31 -38.73
C PHE A 522 -26.47 27.03 -40.08
N GLU A 523 -26.60 28.36 -40.06
CA GLU A 523 -26.67 29.12 -41.30
C GLU A 523 -25.30 29.38 -41.89
N GLY A 524 -24.27 29.46 -41.05
CA GLY A 524 -22.91 29.66 -41.57
C GLY A 524 -22.43 28.47 -42.37
N ILE A 525 -22.80 27.26 -41.96
CA ILE A 525 -22.42 26.06 -42.66
C ILE A 525 -23.46 25.73 -43.72
N LYS A 526 -23.08 24.91 -44.69
CA LYS A 526 -23.96 24.51 -45.78
C LYS A 526 -24.16 23.01 -45.75
N LYS A 527 -24.98 22.51 -46.68
CA LYS A 527 -25.28 21.08 -46.82
C LYS A 527 -25.82 20.51 -45.51
N LYS A 528 -26.66 21.28 -44.83
CA LYS A 528 -27.25 20.85 -43.57
C LYS A 528 -28.55 21.62 -43.35
N LYS A 529 -29.36 21.12 -42.41
CA LYS A 529 -30.64 21.73 -42.11
C LYS A 529 -30.44 22.88 -41.12
N GLN A 530 -30.87 24.07 -41.50
CA GLN A 530 -30.82 25.24 -40.63
C GLN A 530 -32.10 25.30 -39.81
N GLN A 531 -31.96 25.60 -38.52
CA GLN A 531 -33.07 25.51 -37.59
C GLN A 531 -33.39 26.89 -37.01
N LYS A 532 -34.66 27.27 -37.06
CA LYS A 532 -35.06 28.54 -36.48
C LYS A 532 -35.05 28.44 -34.95
N ILE A 533 -35.05 29.62 -34.30
CA ILE A 533 -34.99 29.66 -32.85
C ILE A 533 -36.29 29.15 -32.24
N LYS A 534 -37.43 29.52 -32.83
CA LYS A 534 -38.71 29.10 -32.26
C LYS A 534 -38.91 27.59 -32.34
N ASN A 535 -38.52 26.98 -33.46
CA ASN A 535 -38.65 25.53 -33.59
C ASN A 535 -37.64 24.77 -32.74
N ILE A 536 -36.55 25.42 -32.33
CA ILE A 536 -35.62 24.79 -31.40
C ILE A 536 -36.01 25.05 -29.95
N LEU A 537 -36.85 26.04 -29.69
CA LEU A 537 -37.37 26.29 -28.35
C LEU A 537 -38.63 25.47 -28.07
N SER A 538 -39.42 25.15 -29.11
CA SER A 538 -40.64 24.39 -28.96
C SER A 538 -40.44 22.89 -29.18
N ASN A 539 -39.25 22.37 -28.89
CA ASN A 539 -38.93 20.95 -29.06
C ASN A 539 -38.97 20.28 -27.69
N LYS A 540 -40.08 19.59 -27.41
CA LYS A 540 -40.25 18.96 -26.10
C LYS A 540 -39.23 17.83 -25.88
N THR A 541 -38.99 17.01 -26.91
CA THR A 541 -38.02 15.92 -26.77
C THR A 541 -36.62 16.47 -26.52
N LEU A 542 -36.23 17.51 -27.25
CA LEU A 542 -34.93 18.14 -27.02
C LEU A 542 -34.86 18.74 -25.62
N ARG A 543 -35.96 19.33 -25.15
CA ARG A 543 -35.98 19.90 -23.81
C ARG A 543 -35.79 18.82 -22.75
N GLU A 544 -36.46 17.68 -22.90
CA GLU A 544 -36.30 16.60 -21.93
C GLU A 544 -34.89 16.02 -21.97
N HIS A 545 -34.32 15.84 -23.17
CA HIS A 545 -32.96 15.35 -23.27
C HIS A 545 -31.98 16.31 -22.60
N ASN A 546 -32.16 17.61 -22.84
CA ASN A 546 -31.28 18.60 -22.23
C ASN A 546 -31.47 18.66 -20.72
N SER A 547 -32.69 18.44 -20.23
CA SER A 547 -32.91 18.40 -18.78
C SER A 547 -32.17 17.22 -18.15
N PHE A 548 -32.23 16.05 -18.78
CA PHE A 548 -31.48 14.91 -18.26
C PHE A 548 -29.98 15.18 -18.28
N VAL A 549 -29.49 15.75 -19.38
CA VAL A 549 -28.06 16.07 -19.48
C VAL A 549 -27.67 17.07 -18.41
N GLU A 550 -28.53 18.07 -18.16
CA GLU A 550 -28.26 19.07 -17.13
C GLU A 550 -28.22 18.43 -15.75
N ARG A 551 -29.09 17.45 -15.49
CA ARG A 551 -29.03 16.74 -14.23
C ARG A 551 -27.70 16.02 -14.05
N CYS A 552 -27.24 15.34 -15.11
CA CYS A 552 -25.95 14.65 -15.04
C CYS A 552 -24.81 15.64 -14.80
N ILE A 553 -24.80 16.76 -15.53
CA ILE A 553 -23.74 17.74 -15.38
C ILE A 553 -23.79 18.40 -14.00
N ASP A 554 -24.98 18.61 -13.45
CA ASP A 554 -25.09 19.17 -12.10
C ASP A 554 -24.56 18.20 -11.07
N TRP A 555 -24.82 16.90 -11.23
CA TRP A 555 -24.21 15.91 -10.34
C TRP A 555 -22.70 15.96 -10.42
N ASN A 556 -22.16 16.06 -11.64
CA ASN A 556 -20.72 16.15 -11.80
C ASN A 556 -20.15 17.41 -11.16
N ARG A 557 -20.86 18.53 -11.30
CA ARG A 557 -20.41 19.78 -10.69
C ARG A 557 -20.42 19.69 -9.16
N GLU A 558 -21.45 19.07 -8.59
CA GLU A 558 -21.49 18.89 -7.14
C GLU A 558 -20.36 17.97 -6.68
N LEU A 559 -20.01 16.97 -7.48
CA LEU A 559 -18.84 16.14 -7.16
C LEU A 559 -17.57 16.98 -7.20
N LEU A 560 -17.40 17.78 -8.24
CA LEU A 560 -16.15 18.52 -8.43
C LEU A 560 -15.96 19.59 -7.35
N LYS A 561 -17.04 20.27 -6.96
CA LYS A 561 -16.93 21.29 -5.94
C LYS A 561 -16.43 20.70 -4.63
N ARG A 562 -16.99 19.57 -4.22
CA ARG A 562 -16.55 18.92 -2.98
C ARG A 562 -15.12 18.39 -3.11
N GLU A 563 -14.78 17.81 -4.26
CA GLU A 563 -13.48 17.15 -4.39
C GLU A 563 -12.33 18.13 -4.66
N LEU A 564 -12.62 19.36 -5.07
CA LEU A 564 -11.58 20.33 -5.33
C LEU A 564 -11.69 21.57 -4.46
N GLY A 565 -12.67 21.65 -3.57
CA GLY A 565 -12.79 22.81 -2.71
C GLY A 565 -13.08 24.09 -3.44
N LEU A 566 -13.95 24.04 -4.45
CA LEU A 566 -14.29 25.21 -5.24
C LEU A 566 -15.54 25.88 -4.67
N ALA A 567 -15.81 27.07 -5.18
CA ALA A 567 -17.00 27.84 -4.85
C ALA A 567 -17.76 28.16 -6.13
N GLU A 568 -18.92 28.80 -5.97
CA GLU A 568 -19.72 29.16 -7.13
C GLU A 568 -19.06 30.24 -7.97
N SER A 569 -18.07 30.95 -7.44
CA SER A 569 -17.35 31.96 -8.18
C SER A 569 -16.19 31.41 -8.98
N ASP A 570 -15.84 30.13 -8.78
CA ASP A 570 -14.75 29.49 -9.51
C ASP A 570 -15.22 28.76 -10.76
N ILE A 571 -16.51 28.77 -11.05
CA ILE A 571 -17.09 28.00 -12.14
C ILE A 571 -17.77 28.94 -13.11
N ILE A 572 -17.59 28.68 -14.40
CA ILE A 572 -18.22 29.44 -15.48
C ILE A 572 -18.98 28.47 -16.36
N ASP A 573 -20.23 28.80 -16.69
CA ASP A 573 -21.10 27.92 -17.45
C ASP A 573 -21.09 28.34 -18.92
N ILE A 574 -20.58 27.46 -19.78
CA ILE A 574 -20.53 27.69 -21.22
C ILE A 574 -21.82 27.18 -21.85
N PRO A 575 -22.50 27.97 -22.68
CA PRO A 575 -23.72 27.48 -23.33
C PRO A 575 -23.43 26.27 -24.20
N GLN A 576 -24.36 25.32 -24.19
CA GLN A 576 -24.21 24.08 -24.92
C GLN A 576 -25.58 23.45 -25.14
N LEU A 577 -25.65 22.54 -26.08
CA LEU A 577 -26.88 21.81 -26.36
C LEU A 577 -26.54 20.37 -26.69
N PHE A 578 -27.22 19.43 -26.04
CA PHE A 578 -27.02 18.01 -26.25
C PHE A 578 -28.30 17.37 -26.77
N LYS A 579 -28.16 16.14 -27.28
CA LYS A 579 -29.29 15.37 -27.76
C LYS A 579 -29.01 13.90 -27.52
N LEU A 580 -30.02 13.18 -27.03
CA LEU A 580 -29.87 11.74 -26.83
C LEU A 580 -29.88 11.02 -28.17
N LYS A 581 -29.18 9.90 -28.22
CA LYS A 581 -28.93 9.18 -29.47
C LYS A 581 -29.04 7.69 -29.18
N GLU A 582 -28.49 6.87 -30.08
CA GLU A 582 -28.51 5.43 -29.89
C GLU A 582 -27.96 5.05 -28.52
N PHE A 583 -28.64 4.09 -27.89
CA PHE A 583 -28.38 3.66 -26.51
C PHE A 583 -28.74 4.75 -25.50
N SER A 584 -29.52 5.75 -25.91
CA SER A 584 -29.95 6.85 -25.04
C SER A 584 -28.76 7.55 -24.38
N LYS A 585 -27.76 7.88 -25.20
CA LYS A 585 -26.56 8.55 -24.73
C LYS A 585 -26.39 9.87 -25.45
N ALA A 586 -25.84 10.85 -24.72
CA ALA A 586 -25.82 12.24 -25.20
C ALA A 586 -24.75 12.46 -26.25
N GLU A 587 -25.07 13.30 -27.23
CA GLU A 587 -24.13 13.78 -28.23
C GLU A 587 -24.35 15.27 -28.43
N ALA A 588 -23.28 15.98 -28.77
CA ALA A 588 -23.36 17.43 -28.92
C ALA A 588 -24.27 17.79 -30.10
N PHE A 589 -25.18 18.74 -29.87
CA PHE A 589 -26.07 19.19 -30.93
C PHE A 589 -25.33 20.04 -31.95
N PHE A 590 -24.50 20.96 -31.48
CA PHE A 590 -23.59 21.75 -32.31
C PHE A 590 -22.20 21.62 -31.71
N PRO A 591 -21.14 21.93 -32.50
CA PRO A 591 -19.77 21.75 -32.02
C PRO A 591 -19.53 22.15 -30.57
N ASN A 592 -18.93 21.24 -29.81
CA ASN A 592 -18.71 21.45 -28.37
C ASN A 592 -17.73 22.58 -28.13
N MET A 593 -18.23 23.72 -27.68
CA MET A 593 -17.39 24.90 -27.48
C MET A 593 -16.45 24.76 -26.29
N VAL A 594 -16.77 23.89 -25.33
CA VAL A 594 -15.89 23.65 -24.20
C VAL A 594 -14.76 22.68 -24.53
N ASN A 595 -14.83 22.02 -25.69
CA ASN A 595 -13.79 21.08 -26.13
C ASN A 595 -12.79 21.83 -27.01
N MET A 596 -12.02 22.71 -26.38
CA MET A 596 -11.17 23.65 -27.07
C MET A 596 -9.70 23.45 -26.69
N LEU A 597 -8.84 24.16 -27.39
CA LEU A 597 -7.40 24.09 -27.18
C LEU A 597 -6.94 25.33 -26.41
N VAL A 598 -6.21 25.11 -25.32
CA VAL A 598 -5.77 26.19 -24.44
C VAL A 598 -4.25 26.25 -24.50
N LEU A 599 -3.71 27.41 -24.89
CA LEU A 599 -2.27 27.66 -24.96
C LEU A 599 -2.03 28.99 -24.26
N GLY A 600 -1.73 28.94 -22.97
CA GLY A 600 -1.54 30.15 -22.19
C GLY A 600 -2.79 31.00 -22.14
N LYS A 601 -2.75 32.16 -22.79
CA LYS A 601 -3.91 33.04 -22.86
C LYS A 601 -4.60 32.99 -24.23
N HIS A 602 -4.27 32.01 -25.06
CA HIS A 602 -4.85 31.88 -26.39
C HIS A 602 -5.72 30.63 -26.44
N LEU A 603 -6.97 30.81 -26.88
CA LEU A 603 -7.94 29.73 -26.94
C LEU A 603 -8.36 29.48 -28.38
N GLY A 604 -8.25 28.23 -28.82
CA GLY A 604 -8.81 27.81 -30.08
C GLY A 604 -10.11 27.06 -29.83
N ILE A 605 -11.22 27.72 -30.09
CA ILE A 605 -12.55 27.20 -29.76
C ILE A 605 -13.21 26.66 -31.03
N PRO A 606 -13.88 25.50 -30.96
CA PRO A 606 -14.67 25.05 -32.11
C PRO A 606 -15.74 26.07 -32.46
N LYS A 607 -15.98 26.24 -33.76
CA LYS A 607 -16.93 27.23 -34.22
C LYS A 607 -18.35 26.68 -34.13
N PRO A 608 -19.21 27.25 -33.29
CA PRO A 608 -20.55 26.68 -33.11
C PRO A 608 -21.47 26.91 -34.28
N PHE A 609 -21.21 27.91 -35.12
CA PHE A 609 -22.08 28.26 -36.24
C PHE A 609 -23.51 28.53 -35.77
N GLY A 610 -23.62 29.32 -34.70
CA GLY A 610 -24.91 29.64 -34.13
C GLY A 610 -25.62 30.71 -34.92
N PRO A 611 -26.77 31.12 -34.40
CA PRO A 611 -27.54 32.19 -35.05
C PRO A 611 -26.75 33.49 -35.09
N VAL A 612 -26.98 34.26 -36.15
CA VAL A 612 -26.28 35.52 -36.36
C VAL A 612 -27.24 36.66 -36.05
N ILE A 613 -26.90 37.46 -35.05
CA ILE A 613 -27.67 38.64 -34.67
C ILE A 613 -26.74 39.85 -34.78
N ASN A 614 -27.22 40.90 -35.46
CA ASN A 614 -26.46 42.15 -35.61
C ASN A 614 -25.08 41.90 -36.22
N GLY A 615 -24.98 40.90 -37.09
CA GLY A 615 -23.74 40.58 -37.75
C GLY A 615 -22.76 39.74 -36.97
N ARG A 616 -23.12 39.31 -35.76
CA ARG A 616 -22.23 38.49 -34.94
C ARG A 616 -22.99 37.29 -34.40
N CYS A 617 -22.28 36.18 -34.25
CA CYS A 617 -22.89 34.98 -33.68
C CYS A 617 -23.14 35.20 -32.19
N CYS A 618 -24.36 34.87 -31.75
CA CYS A 618 -24.73 35.11 -30.36
C CYS A 618 -23.91 34.25 -29.41
N LEU A 619 -23.70 32.98 -29.76
CA LEU A 619 -22.92 32.10 -28.90
C LEU A 619 -21.47 32.57 -28.80
N GLU A 620 -20.88 32.98 -29.93
CA GLU A 620 -19.52 33.51 -29.91
C GLU A 620 -19.43 34.77 -29.06
N GLU A 621 -20.42 35.66 -29.20
CA GLU A 621 -20.42 36.88 -28.41
C GLU A 621 -20.54 36.58 -26.92
N LYS A 622 -21.39 35.63 -26.56
CA LYS A 622 -21.55 35.26 -25.15
C LYS A 622 -20.27 34.66 -24.60
N VAL A 623 -19.62 33.79 -25.36
CA VAL A 623 -18.37 33.18 -24.90
C VAL A 623 -17.29 34.24 -24.75
N CYS A 624 -17.21 35.18 -25.70
CA CYS A 624 -16.25 36.26 -25.59
C CYS A 624 -16.52 37.13 -24.36
N SER A 625 -17.78 37.45 -24.10
CA SER A 625 -18.10 38.26 -22.93
C SER A 625 -17.80 37.51 -21.64
N LEU A 626 -17.92 36.18 -21.65
CA LEU A 626 -17.65 35.41 -20.44
C LEU A 626 -16.15 35.24 -20.19
N LEU A 627 -15.35 35.08 -21.24
CA LEU A 627 -13.95 34.70 -21.08
C LEU A 627 -12.98 35.87 -21.20
N GLU A 628 -13.24 36.83 -22.08
CA GLU A 628 -12.30 37.93 -22.29
C GLU A 628 -12.00 38.74 -21.03
N PRO A 629 -12.96 39.06 -20.15
CA PRO A 629 -12.59 39.77 -18.92
C PRO A 629 -11.51 39.07 -18.09
N LEU A 630 -11.34 37.76 -18.25
CA LEU A 630 -10.26 37.05 -17.59
C LEU A 630 -8.90 37.28 -18.25
N GLY A 631 -8.86 38.07 -19.33
CA GLY A 631 -7.64 38.32 -20.05
C GLY A 631 -7.35 37.38 -21.19
N LEU A 632 -8.14 36.33 -21.37
CA LEU A 632 -7.94 35.38 -22.44
C LEU A 632 -8.42 35.95 -23.77
N GLN A 633 -7.86 35.45 -24.86
CA GLN A 633 -8.24 35.83 -26.21
C GLN A 633 -8.86 34.62 -26.91
N CYS A 634 -10.07 34.81 -27.43
CA CYS A 634 -10.85 33.72 -28.00
C CYS A 634 -10.70 33.72 -29.53
N THR A 635 -10.21 32.60 -30.07
CA THR A 635 -10.13 32.38 -31.51
C THR A 635 -10.97 31.16 -31.84
N PHE A 636 -11.82 31.28 -32.85
CA PHE A 636 -12.77 30.24 -33.21
C PHE A 636 -12.27 29.50 -34.45
N ILE A 637 -12.19 28.17 -34.35
CA ILE A 637 -11.64 27.32 -35.39
C ILE A 637 -12.77 26.48 -35.98
N ASN A 638 -12.86 26.45 -37.30
CA ASN A 638 -13.88 25.66 -37.99
C ASN A 638 -13.44 24.21 -38.07
N ASP A 639 -14.27 23.31 -37.52
CA ASP A 639 -13.99 21.88 -37.54
C ASP A 639 -15.26 21.06 -37.81
N PHE A 640 -16.18 21.61 -38.60
CA PHE A 640 -17.49 20.99 -38.74
C PHE A 640 -17.41 19.70 -39.56
N PHE A 641 -16.98 19.80 -40.81
CA PHE A 641 -17.00 18.65 -41.71
C PHE A 641 -15.82 17.72 -41.53
N THR A 642 -14.84 18.09 -40.71
CA THR A 642 -13.65 17.28 -40.51
C THR A 642 -13.63 16.55 -39.17
N TYR A 643 -14.05 17.19 -38.08
CA TYR A 643 -14.01 16.60 -36.76
C TYR A 643 -15.39 16.43 -36.16
N HIS A 644 -16.24 17.46 -36.22
CA HIS A 644 -17.56 17.39 -35.61
C HIS A 644 -18.41 16.30 -36.23
N ILE A 645 -18.33 16.14 -37.56
CA ILE A 645 -19.05 15.07 -38.23
C ILE A 645 -18.60 13.72 -37.68
N ARG A 646 -17.32 13.59 -37.34
CA ARG A 646 -16.80 12.38 -36.73
C ARG A 646 -16.83 12.42 -35.21
N HIS A 647 -17.69 13.25 -34.62
CA HIS A 647 -17.90 13.31 -33.17
C HIS A 647 -16.62 13.67 -32.44
N GLY A 648 -15.92 14.69 -32.93
CA GLY A 648 -14.71 15.17 -32.29
C GLY A 648 -14.57 16.67 -32.47
N GLU A 649 -13.66 17.26 -31.71
CA GLU A 649 -13.46 18.70 -31.73
C GLU A 649 -11.98 19.06 -31.79
N VAL A 650 -11.68 20.35 -31.58
CA VAL A 650 -10.30 20.82 -31.71
C VAL A 650 -9.39 20.16 -30.68
N HIS A 651 -9.85 20.09 -29.43
CA HIS A 651 -9.03 19.48 -28.38
C HIS A 651 -8.88 17.99 -28.59
N CYS A 652 -9.89 17.33 -29.17
CA CYS A 652 -9.82 15.89 -29.36
C CYS A 652 -8.75 15.50 -30.37
N GLY A 653 -8.39 16.39 -31.28
CA GLY A 653 -7.42 16.07 -32.30
C GLY A 653 -6.05 16.68 -32.10
N THR A 654 -5.76 17.19 -30.89
CA THR A 654 -4.49 17.82 -30.61
C THR A 654 -3.97 17.36 -29.25
N ASN A 655 -2.66 17.42 -29.10
CA ASN A 655 -1.98 17.13 -27.84
C ASN A 655 -0.93 18.19 -27.58
N VAL A 656 -0.79 18.60 -26.32
CA VAL A 656 0.10 19.69 -25.94
C VAL A 656 1.04 19.22 -24.85
N ARG A 657 2.32 19.59 -24.99
CA ARG A 657 3.34 19.30 -23.95
C ARG A 657 3.50 20.58 -23.12
N ARG A 658 3.41 20.49 -21.80
CA ARG A 658 3.39 21.63 -20.89
C ARG A 658 4.60 21.59 -19.97
N LYS A 659 4.98 22.76 -19.49
CA LYS A 659 6.16 22.88 -18.65
C LYS A 659 5.94 22.20 -17.30
N PRO A 660 6.93 21.48 -16.78
CA PRO A 660 6.77 20.82 -15.47
C PRO A 660 6.59 21.83 -14.35
N PHE A 661 5.96 21.36 -13.28
CA PHE A 661 5.72 22.21 -12.12
C PHE A 661 7.04 22.62 -11.46
N SER A 662 7.07 23.86 -10.95
CA SER A 662 8.22 24.31 -10.17
C SER A 662 8.28 23.61 -8.82
N PHE A 663 7.13 23.25 -8.26
CA PHE A 663 7.08 22.55 -6.99
C PHE A 663 7.71 21.16 -7.11
N LYS A 664 8.53 20.81 -6.13
CA LYS A 664 9.18 19.51 -6.10
C LYS A 664 8.26 18.49 -5.45
N TRP A 665 8.02 17.38 -6.17
CA TRP A 665 7.04 16.40 -5.70
C TRP A 665 7.42 15.80 -4.36
N TRP A 666 8.71 15.64 -4.10
CA TRP A 666 9.14 15.07 -2.82
C TRP A 666 8.86 16.00 -1.64
N ASN A 667 8.53 17.27 -1.90
CA ASN A 667 8.10 18.17 -0.85
C ASN A 667 6.62 18.03 -0.53
N MET A 668 5.88 17.26 -1.31
CA MET A 668 4.48 16.99 -1.03
C MET A 668 4.35 15.96 0.08
N VAL A 669 3.29 16.10 0.88
CA VAL A 669 3.00 15.15 1.95
C VAL A 669 1.66 14.50 1.69
N PRO A 670 1.59 13.41 0.93
CA PRO A 670 0.34 12.72 0.61
C PRO A 670 -0.32 12.09 1.84
CA UNK B 1 13.93 -35.78 4.82
C UNK B 1 12.51 -36.30 4.94
N TYR B 2 12.39 -37.60 5.22
CA TYR B 2 11.07 -38.22 5.37
C TYR B 2 10.57 -38.14 6.80
N ARG B 3 11.34 -38.68 7.74
CA ARG B 3 11.02 -38.57 9.16
C ARG B 3 11.89 -37.58 9.90
N ASP B 4 12.87 -36.98 9.22
CA ASP B 4 13.77 -36.02 9.85
C ASP B 4 13.16 -34.63 9.85
N HIS B 5 13.68 -33.77 10.73
CA HIS B 5 13.21 -32.39 10.80
C HIS B 5 13.57 -31.62 9.55
N HIS B 6 14.70 -31.93 8.93
CA HIS B 6 15.14 -31.21 7.74
C HIS B 6 14.15 -31.43 6.60
N TYR B 7 13.78 -30.34 5.93
CA TYR B 7 12.90 -30.44 4.76
C TYR B 7 13.59 -31.20 3.63
N ARG B 8 14.88 -30.91 3.41
CA ARG B 8 15.68 -31.64 2.45
C ARG B 8 17.11 -31.69 2.96
N HIS B 9 17.79 -32.81 2.71
CA HIS B 9 19.16 -33.00 3.17
C HIS B 9 19.81 -34.15 2.42
N PRO B 10 21.04 -33.96 1.91
CA PRO B 10 21.69 -35.04 1.16
C PRO B 10 21.98 -36.28 1.99
N LYS B 11 22.07 -36.15 3.31
CA LYS B 11 22.47 -37.26 4.17
C LYS B 11 21.35 -37.81 5.04
N TYR B 12 20.71 -36.97 5.84
CA TYR B 12 19.68 -37.45 6.77
C TYR B 12 18.37 -37.79 6.07
N CYS B 13 18.03 -37.09 4.99
CA CYS B 13 16.77 -37.34 4.30
C CYS B 13 16.96 -38.29 3.12
CA UNK C 1 -15.41 2.76 -35.41
C UNK C 1 -14.01 2.77 -36.00
N TYR C 2 -13.93 2.94 -37.32
CA TYR C 2 -12.64 2.97 -38.00
C TYR C 2 -12.07 4.39 -38.05
N ARG C 3 -12.82 5.32 -38.62
CA ARG C 3 -12.42 6.73 -38.65
C ARG C 3 -13.22 7.58 -37.69
N ASP C 4 -14.20 7.00 -36.98
CA ASP C 4 -15.02 7.76 -36.05
C ASP C 4 -14.34 7.83 -34.68
N HIS C 5 -14.79 8.78 -33.87
CA HIS C 5 -14.25 8.93 -32.52
C HIS C 5 -14.64 7.77 -31.63
N HIS C 6 -15.80 7.16 -31.86
CA HIS C 6 -16.26 6.06 -31.03
C HIS C 6 -15.34 4.86 -31.19
N TYR C 7 -14.96 4.26 -30.06
CA TYR C 7 -14.15 3.04 -30.11
C TYR C 7 -14.93 1.89 -30.75
N ARG C 8 -16.22 1.77 -30.42
CA ARG C 8 -17.09 0.79 -31.04
C ARG C 8 -18.50 1.36 -31.08
N HIS C 9 -19.23 1.05 -32.14
CA HIS C 9 -20.58 1.57 -32.31
C HIS C 9 -21.32 0.75 -33.37
N PRO C 10 -22.56 0.32 -33.09
CA PRO C 10 -23.29 -0.46 -34.09
C PRO C 10 -23.60 0.28 -35.37
N LYS C 11 -23.61 1.61 -35.33
CA LYS C 11 -24.02 2.42 -36.49
C LYS C 11 -22.88 3.18 -37.15
N TYR C 12 -22.16 4.01 -36.40
CA TYR C 12 -21.11 4.83 -36.97
C TYR C 12 -19.86 4.05 -37.32
N CYS C 13 -19.54 3.01 -36.55
CA CYS C 13 -18.32 2.24 -36.78
C CYS C 13 -18.60 1.02 -37.64
N GLY D 11 -24.37 17.45 -0.46
CA GLY D 11 -24.45 18.67 -1.23
C GLY D 11 -25.25 18.53 -2.51
N THR D 12 -26.34 19.28 -2.59
CA THR D 12 -27.22 19.25 -3.75
C THR D 12 -27.60 20.67 -4.13
N LEU D 13 -27.65 20.94 -5.43
CA LEU D 13 -27.97 22.26 -5.95
C LEU D 13 -29.36 22.21 -6.60
N ILE D 14 -30.21 23.16 -6.23
CA ILE D 14 -31.55 23.29 -6.78
C ILE D 14 -31.67 24.68 -7.39
N ARG D 15 -32.08 24.75 -8.65
CA ARG D 15 -32.25 26.00 -9.37
C ARG D 15 -33.72 26.29 -9.57
N VAL D 16 -34.13 27.52 -9.24
CA VAL D 16 -35.52 27.95 -9.34
C VAL D 16 -35.65 28.95 -10.46
N THR D 17 -36.62 28.75 -11.34
CA THR D 17 -36.93 29.67 -12.41
C THR D 17 -38.34 30.23 -12.22
N PRO D 18 -38.54 31.54 -12.41
CA PRO D 18 -39.87 32.12 -12.25
C PRO D 18 -40.87 31.68 -13.30
N GLU D 19 -40.40 31.11 -14.42
CA GLU D 19 -41.30 30.73 -15.50
C GLU D 19 -42.09 29.47 -15.18
N GLN D 20 -41.56 28.58 -14.32
CA GLN D 20 -42.28 27.37 -13.96
C GLN D 20 -41.76 26.85 -12.64
N PRO D 21 -42.64 26.38 -11.74
CA PRO D 21 -42.16 25.79 -10.49
C PRO D 21 -41.49 24.45 -10.72
N THR D 22 -40.57 24.11 -9.81
CA THR D 22 -39.81 22.87 -9.89
C THR D 22 -40.07 22.04 -8.64
N HIS D 23 -40.09 20.72 -8.82
CA HIS D 23 -40.25 19.77 -7.73
C HIS D 23 -38.91 19.08 -7.47
N ALA D 24 -38.43 19.17 -6.24
CA ALA D 24 -37.14 18.60 -5.87
C ALA D 24 -37.31 17.69 -4.65
N VAL D 25 -36.44 16.70 -4.55
CA VAL D 25 -36.44 15.74 -3.46
C VAL D 25 -35.19 15.96 -2.62
N CYS D 26 -35.39 16.17 -1.32
CA CYS D 26 -34.30 16.39 -0.39
C CYS D 26 -34.25 15.26 0.63
N VAL D 27 -33.04 14.90 1.03
CA VAL D 27 -32.81 13.82 1.98
C VAL D 27 -32.36 14.43 3.29
N LEU D 28 -32.99 14.00 4.39
CA LEU D 28 -32.66 14.53 5.71
C LEU D 28 -31.20 14.25 6.06
N GLY D 29 -30.54 15.25 6.65
CA GLY D 29 -29.15 15.14 7.04
C GLY D 29 -28.16 15.61 6.01
N THR D 30 -28.61 15.96 4.81
CA THR D 30 -27.74 16.44 3.75
C THR D 30 -28.01 17.92 3.48
N LEU D 31 -26.95 18.67 3.25
CA LEU D 31 -27.07 20.10 3.02
C LEU D 31 -27.50 20.37 1.59
N THR D 32 -28.53 21.20 1.43
CA THR D 32 -29.09 21.53 0.12
C THR D 32 -28.90 23.03 -0.14
N GLN D 33 -28.09 23.34 -1.14
CA GLN D 33 -27.86 24.72 -1.54
C GLN D 33 -28.85 25.12 -2.62
N LEU D 34 -29.46 26.28 -2.46
CA LEU D 34 -30.51 26.76 -3.36
C LEU D 34 -29.94 27.89 -4.21
N ASP D 35 -29.75 27.63 -5.50
CA ASP D 35 -29.21 28.64 -6.42
C ASP D 35 -30.35 29.46 -7.01
N ILE D 36 -30.30 30.77 -6.80
CA ILE D 36 -31.36 31.65 -7.26
C ILE D 36 -30.90 32.63 -8.34
N CYS D 37 -29.60 32.86 -8.49
CA CYS D 37 -29.10 33.82 -9.47
C CYS D 37 -28.85 33.18 -10.84
N SER D 38 -29.00 31.86 -10.96
CA SER D 38 -28.76 31.20 -12.24
C SER D 38 -29.79 31.62 -13.29
N SER D 39 -31.04 31.78 -12.88
CA SER D 39 -32.12 32.15 -13.80
C SER D 39 -32.94 33.31 -13.25
N ALA D 40 -32.32 34.16 -12.45
CA ALA D 40 -33.01 35.33 -11.92
C ALA D 40 -33.25 36.36 -13.03
N PRO D 41 -34.30 37.18 -12.90
CA PRO D 41 -34.52 38.23 -13.88
C PRO D 41 -33.35 39.20 -13.95
N ASP D 42 -33.05 39.66 -15.17
CA ASP D 42 -31.91 40.56 -15.37
C ASP D 42 -32.10 41.87 -14.63
N ASP D 43 -33.31 42.43 -14.66
CA ASP D 43 -33.58 43.70 -14.02
C ASP D 43 -33.69 43.60 -12.50
N CYS D 44 -33.83 42.38 -11.96
CA CYS D 44 -33.97 42.20 -10.52
C CYS D 44 -32.67 42.55 -9.80
N THR D 45 -32.82 43.06 -8.57
CA THR D 45 -31.67 43.42 -7.75
C THR D 45 -31.77 42.92 -6.31
N SER D 46 -32.92 42.47 -5.84
CA SER D 46 -33.07 41.99 -4.47
C SER D 46 -34.12 40.87 -4.46
N PHE D 47 -34.01 40.01 -3.45
CA PHE D 47 -34.90 38.87 -3.33
C PHE D 47 -35.34 38.71 -1.88
N SER D 48 -36.50 38.08 -1.71
CA SER D 48 -37.03 37.73 -0.40
C SER D 48 -37.51 36.29 -0.43
N ILE D 49 -37.48 35.66 0.75
CA ILE D 49 -37.76 34.23 0.89
C ILE D 49 -38.95 34.06 1.82
N ASN D 50 -39.95 33.30 1.37
CA ASN D 50 -41.09 32.93 2.20
C ASN D 50 -41.14 31.41 2.28
N ALA D 51 -40.91 30.87 3.46
CA ALA D 51 -40.80 29.43 3.66
C ALA D 51 -41.91 28.91 4.57
N SER D 52 -42.32 27.68 4.30
CA SER D 52 -43.27 27.01 5.17
C SER D 52 -42.63 26.77 6.54
N PRO D 53 -43.42 26.73 7.61
CA PRO D 53 -42.84 26.56 8.95
C PRO D 53 -42.04 25.28 9.12
N GLY D 54 -42.25 24.28 8.27
CA GLY D 54 -41.47 23.07 8.33
C GLY D 54 -40.11 23.13 7.65
N VAL D 55 -39.77 24.26 7.04
CA VAL D 55 -38.51 24.44 6.32
C VAL D 55 -37.73 25.56 6.99
N VAL D 56 -36.44 25.32 7.23
CA VAL D 56 -35.55 26.31 7.83
C VAL D 56 -34.60 26.79 6.74
N VAL D 57 -34.57 28.11 6.53
CA VAL D 57 -33.71 28.72 5.51
C VAL D 57 -32.57 29.45 6.22
N ASP D 58 -31.39 29.38 5.62
CA ASP D 58 -30.21 30.08 6.14
C ASP D 58 -29.62 30.92 5.01
N ILE D 59 -29.42 32.20 5.28
CA ILE D 59 -28.87 33.13 4.29
C ILE D 59 -27.44 33.44 4.68
N ALA D 60 -26.49 33.11 3.81
CA ALA D 60 -25.08 33.35 4.09
C ALA D 60 -24.44 34.19 2.98
N SER D 73 -36.26 43.26 4.69
CA SER D 73 -35.41 42.12 4.97
C SER D 73 -34.86 41.50 3.69
N THR D 74 -34.68 42.34 2.68
CA THR D 74 -34.16 41.87 1.40
C THR D 74 -32.64 41.78 1.44
N TRP D 75 -32.09 41.07 0.47
CA TRP D 75 -30.66 40.87 0.34
C TRP D 75 -30.23 41.14 -1.10
N PRO D 76 -28.97 41.56 -1.29
CA PRO D 76 -28.50 41.82 -2.67
C PRO D 76 -28.49 40.55 -3.51
N LEU D 77 -28.79 40.70 -4.79
CA LEU D 77 -28.82 39.59 -5.73
C LEU D 77 -27.46 39.48 -6.39
N ASP D 78 -26.56 38.74 -5.75
CA ASP D 78 -25.21 38.52 -6.24
C ASP D 78 -24.83 37.07 -6.03
N PRO D 79 -23.90 36.55 -6.84
CA PRO D 79 -23.46 35.15 -6.64
C PRO D 79 -22.77 34.92 -5.30
N GLY D 80 -22.30 35.97 -4.63
CA GLY D 80 -21.63 35.79 -3.36
C GLY D 80 -22.55 35.24 -2.28
N VAL D 81 -23.78 35.73 -2.22
CA VAL D 81 -24.73 35.27 -1.21
C VAL D 81 -25.19 33.86 -1.54
N GLU D 82 -25.49 33.09 -0.50
CA GLU D 82 -25.93 31.71 -0.64
C GLU D 82 -27.16 31.46 0.21
N VAL D 83 -27.98 30.51 -0.24
CA VAL D 83 -29.18 30.09 0.48
C VAL D 83 -29.06 28.60 0.74
N THR D 84 -29.32 28.19 1.99
CA THR D 84 -29.28 26.79 2.36
C THR D 84 -30.60 26.38 3.00
N LEU D 85 -31.08 25.19 2.64
CA LEU D 85 -32.38 24.70 3.08
C LEU D 85 -32.21 23.49 3.98
N THR D 86 -33.03 23.42 5.03
CA THR D 86 -33.04 22.28 5.94
C THR D 86 -34.47 21.94 6.32
N MET D 87 -34.70 20.67 6.62
CA MET D 87 -35.99 20.19 7.09
C MET D 87 -35.78 19.27 8.29
N LYS D 88 -36.82 19.17 9.12
CA LYS D 88 -36.75 18.43 10.36
C LYS D 88 -37.62 17.17 10.37
N ALA D 89 -38.54 17.01 9.42
CA ALA D 89 -39.44 15.87 9.41
C ALA D 89 -39.66 15.41 7.98
N ALA D 90 -39.64 14.09 7.78
CA ALA D 90 -39.93 13.52 6.47
C ALA D 90 -41.41 13.71 6.15
N SER D 91 -41.69 14.16 4.94
CA SER D 91 -43.06 14.46 4.54
C SER D 91 -43.87 13.18 4.38
N GLY D 92 -45.18 13.31 4.50
CA GLY D 92 -46.09 12.20 4.29
C GLY D 92 -46.73 12.21 2.93
N SER D 93 -46.49 13.29 2.17
CA SER D 93 -47.01 13.41 0.82
C SER D 93 -46.01 14.15 -0.04
N THR D 94 -46.04 13.88 -1.34
CA THR D 94 -45.10 14.50 -2.27
C THR D 94 -45.45 15.97 -2.46
N GLY D 95 -44.44 16.83 -2.43
CA GLY D 95 -44.66 18.25 -2.60
C GLY D 95 -45.32 18.92 -1.41
N ASP D 96 -45.10 18.42 -0.19
CA ASP D 96 -45.79 18.96 0.97
C ASP D 96 -45.36 20.39 1.27
N GLN D 97 -44.07 20.69 1.15
CA GLN D 97 -43.55 21.98 1.59
C GLN D 97 -43.19 22.86 0.40
N LYS D 98 -43.64 24.11 0.44
CA LYS D 98 -43.39 25.05 -0.63
C LYS D 98 -42.48 26.16 -0.15
N VAL D 99 -41.68 26.68 -1.09
CA VAL D 99 -40.79 27.81 -0.85
C VAL D 99 -41.06 28.85 -1.94
N GLN D 100 -41.22 30.10 -1.54
CA GLN D 100 -41.53 31.19 -2.45
C GLN D 100 -40.35 32.15 -2.51
N ILE D 101 -39.86 32.40 -3.72
CA ILE D 101 -38.77 33.34 -3.96
C ILE D 101 -39.37 34.55 -4.66
N SER D 102 -39.33 35.71 -4.01
CA SER D 102 -39.89 36.94 -4.56
C SER D 102 -38.74 37.83 -5.03
N TYR D 103 -38.65 38.02 -6.34
CA TYR D 103 -37.65 38.89 -6.94
C TYR D 103 -38.21 40.29 -7.12
N TYR D 104 -37.37 41.28 -6.85
CA TYR D 104 -37.77 42.69 -7.00
C TYR D 104 -37.06 43.32 -8.19
N PRO D 110 -42.91 42.83 -8.59
CA PRO D 110 -42.07 41.74 -8.08
C PRO D 110 -42.47 40.38 -8.64
N VAL D 111 -41.53 39.70 -9.28
CA VAL D 111 -41.81 38.39 -9.85
C VAL D 111 -41.77 37.34 -8.75
N LYS D 112 -42.52 36.25 -8.95
CA LYS D 112 -42.61 35.19 -7.96
C LYS D 112 -42.20 33.86 -8.58
N ALA D 113 -41.44 33.08 -7.82
CA ALA D 113 -41.04 31.74 -8.20
C ALA D 113 -41.39 30.78 -7.07
N LEU D 114 -41.80 29.56 -7.44
CA LEU D 114 -42.24 28.57 -6.47
C LEU D 114 -41.36 27.34 -6.53
N LEU D 115 -41.21 26.69 -5.39
CA LEU D 115 -40.44 25.44 -5.29
C LEU D 115 -41.23 24.50 -4.39
N TYR D 116 -41.84 23.48 -4.98
CA TYR D 116 -42.48 22.42 -4.22
C TYR D 116 -41.42 21.36 -3.87
N LEU D 117 -41.52 20.81 -2.66
CA LEU D 117 -40.44 19.99 -2.13
C LEU D 117 -41.00 19.02 -1.10
N THR D 118 -40.50 17.78 -1.17
CA THR D 118 -40.85 16.71 -0.25
C THR D 118 -39.56 16.16 0.36
N ALA D 119 -39.66 15.66 1.59
CA ALA D 119 -38.50 15.21 2.35
C ALA D 119 -38.61 13.72 2.64
N VAL D 120 -37.50 13.01 2.46
CA VAL D 120 -37.39 11.60 2.78
C VAL D 120 -36.15 11.38 3.64
N GLU D 121 -36.16 10.28 4.39
CA GLU D 121 -35.02 9.89 5.21
C GLU D 121 -34.48 8.58 4.67
N ILE D 122 -33.21 8.58 4.27
CA ILE D 122 -32.51 7.39 3.80
C ILE D 122 -31.25 7.23 4.63
N SER D 123 -31.17 6.14 5.40
CA SER D 123 -30.03 5.89 6.26
C SER D 123 -29.47 4.50 5.98
N LEU D 124 -28.15 4.41 5.90
CA LEU D 124 -27.43 3.15 5.74
C LEU D 124 -26.46 3.05 6.92
N CYS D 125 -26.88 2.37 7.97
CA CYS D 125 -26.18 2.37 9.24
C CYS D 125 -25.42 1.07 9.45
N ALA D 126 -24.17 1.19 9.90
CA ALA D 126 -23.38 0.05 10.34
C ALA D 126 -22.82 0.34 11.72
N ASP D 127 -21.93 -0.53 12.22
CA ASP D 127 -21.33 -0.31 13.53
C ASP D 127 -20.06 0.52 13.38
N ILE D 128 -20.28 1.79 13.03
CA ILE D 128 -19.15 2.69 12.77
C ILE D 128 -18.41 3.07 14.05
N THR D 129 -19.04 2.90 15.21
CA THR D 129 -18.41 3.24 16.48
C THR D 129 -17.62 2.09 17.08
N ARG D 130 -17.69 0.91 16.45
CA ARG D 130 -16.94 -0.27 16.95
C ARG D 130 -17.30 -0.55 18.41
N THR D 131 -18.59 -0.46 18.75
CA THR D 131 -19.06 -0.71 20.11
C THR D 131 -19.92 -1.95 20.26
N GLY D 132 -20.49 -2.47 19.17
CA GLY D 132 -21.30 -3.67 19.19
C GLY D 132 -22.71 -3.50 18.68
N LYS D 133 -23.23 -2.27 18.67
CA LYS D 133 -24.60 -2.00 18.25
C LYS D 133 -24.60 -1.03 17.07
N VAL D 134 -25.47 -1.30 16.10
CA VAL D 134 -25.58 -0.44 14.92
C VAL D 134 -26.18 0.91 15.31
N ARG D 144 -18.05 7.88 6.01
CA ARG D 144 -17.63 7.34 4.73
C ARG D 144 -16.11 7.26 4.63
N THR D 145 -15.47 6.95 5.76
CA THR D 145 -14.03 6.81 5.80
C THR D 145 -13.67 5.92 6.98
N TRP D 146 -12.45 5.38 6.95
CA TRP D 146 -11.96 4.47 7.98
C TRP D 146 -10.66 5.04 8.54
N THR D 147 -10.61 5.22 9.86
CA THR D 147 -9.45 5.78 10.53
C THR D 147 -9.07 4.94 11.74
N TRP D 148 -7.77 4.75 11.94
CA TRP D 148 -7.26 3.99 13.06
C TRP D 148 -7.33 4.82 14.35
N GLY D 149 -7.13 4.14 15.47
CA GLY D 149 -7.02 4.80 16.75
C GLY D 149 -8.28 4.71 17.58
N PRO D 150 -8.18 5.10 18.86
CA PRO D 150 -9.35 5.05 19.74
C PRO D 150 -10.38 6.14 19.46
N CYS D 151 -10.03 7.15 18.66
CA CYS D 151 -10.95 8.23 18.32
C CYS D 151 -11.33 8.19 16.85
N GLY D 152 -11.36 6.99 16.24
CA GLY D 152 -11.67 6.84 14.84
C GLY D 152 -13.07 6.28 14.63
N GLN D 153 -13.39 6.06 13.35
CA GLN D 153 -14.67 5.53 12.95
C GLN D 153 -14.46 4.50 11.84
N GLY D 154 -15.41 3.57 11.73
CA GLY D 154 -15.34 2.55 10.70
C GLY D 154 -15.70 1.16 11.20
N ALA D 155 -16.40 0.40 10.38
CA ALA D 155 -16.85 -0.94 10.77
C ALA D 155 -15.83 -2.00 10.37
N ILE D 156 -15.93 -3.16 10.99
CA ILE D 156 -14.98 -4.25 10.84
C ILE D 156 -15.73 -5.47 10.31
N LEU D 157 -15.14 -6.12 9.30
CA LEU D 157 -15.72 -7.29 8.65
C LEU D 157 -14.89 -8.52 8.98
N LEU D 158 -15.57 -9.64 9.20
CA LEU D 158 -14.94 -10.91 9.52
C LEU D 158 -15.00 -11.85 8.33
N VAL D 159 -13.88 -12.51 8.05
CA VAL D 159 -13.86 -13.53 6.99
C VAL D 159 -14.57 -14.78 7.49
N ASN D 160 -15.51 -15.28 6.70
CA ASN D 160 -16.27 -16.47 7.06
C ASN D 160 -15.48 -17.72 6.68
N CYS D 161 -14.38 -17.93 7.41
CA CYS D 161 -13.43 -18.99 7.11
C CYS D 161 -13.67 -20.25 7.92
N ASP D 162 -14.66 -20.28 8.81
CA ASP D 162 -14.91 -21.46 9.61
C ASP D 162 -15.87 -22.40 8.87
N ARG D 163 -16.26 -23.48 9.53
CA ARG D 163 -17.17 -24.47 8.98
C ARG D 163 -18.28 -24.71 9.99
N ASP D 164 -19.33 -23.89 9.93
CA ASP D 164 -20.46 -24.02 10.83
C ASP D 164 -21.45 -25.10 10.41
N ASN D 165 -21.34 -25.60 9.18
CA ASN D 165 -22.19 -26.67 8.68
C ASN D 165 -21.46 -28.00 8.84
N LEU D 166 -22.15 -28.98 9.41
CA LEU D 166 -21.55 -30.28 9.69
C LEU D 166 -21.73 -31.27 8.54
N GLU D 167 -22.36 -30.87 7.45
CA GLU D 167 -22.58 -31.73 6.30
C GLU D 167 -21.75 -31.28 5.09
N SER D 168 -20.58 -30.72 5.34
CA SER D 168 -19.72 -30.24 4.27
C SER D 168 -18.28 -30.28 4.72
N SER D 169 -17.37 -30.24 3.75
CA SER D 169 -15.93 -30.23 4.01
C SER D 169 -15.26 -28.93 3.58
N ALA D 170 -16.02 -27.96 3.09
CA ALA D 170 -15.49 -26.69 2.63
C ALA D 170 -15.84 -25.60 3.63
N MET D 171 -15.22 -24.42 3.42
CA MET D 171 -15.46 -23.29 4.30
C MET D 171 -16.83 -22.67 4.00
N ASP D 172 -17.28 -21.81 4.93
CA ASP D 172 -18.62 -21.25 4.84
C ASP D 172 -18.76 -20.23 3.72
N CYS D 173 -17.66 -19.63 3.27
CA CYS D 173 -17.71 -18.56 2.28
C CYS D 173 -17.54 -19.07 0.85
N GLU D 174 -17.55 -20.38 0.64
CA GLU D 174 -17.38 -20.95 -0.69
C GLU D 174 -18.71 -21.15 -1.42
N ASP D 175 -19.82 -20.79 -0.79
CA ASP D 175 -21.13 -20.90 -1.42
C ASP D 175 -21.91 -19.61 -1.18
N ASP D 176 -22.91 -19.37 -2.02
CA ASP D 176 -23.70 -18.14 -1.97
C ASP D 176 -25.02 -18.34 -1.23
N GLU D 177 -25.02 -19.18 -0.19
CA GLU D 177 -26.21 -19.41 0.61
C GLU D 177 -25.81 -19.59 2.06
N VAL D 178 -26.76 -19.29 2.95
CA VAL D 178 -26.59 -19.47 4.39
C VAL D 178 -27.45 -20.66 4.81
N LEU D 179 -26.81 -21.70 5.33
CA LEU D 179 -27.51 -22.93 5.67
C LEU D 179 -27.78 -23.10 7.16
N ASP D 180 -27.19 -22.25 8.01
CA ASP D 180 -27.36 -22.37 9.44
C ASP D 180 -27.70 -21.00 10.03
N SER D 181 -28.36 -21.03 11.19
CA SER D 181 -28.61 -19.80 11.91
C SER D 181 -27.34 -19.27 12.56
N GLU D 182 -26.53 -20.17 13.14
CA GLU D 182 -25.28 -19.76 13.76
C GLU D 182 -24.34 -19.11 12.74
N ASP D 183 -24.48 -19.46 11.46
CA ASP D 183 -23.67 -18.85 10.43
C ASP D 183 -23.91 -17.35 10.34
N LEU D 184 -25.02 -16.86 10.87
CA LEU D 184 -25.30 -15.43 10.87
C LEU D 184 -24.59 -14.69 12.00
N GLN D 185 -23.87 -15.41 12.88
CA GLN D 185 -23.12 -14.76 13.93
C GLN D 185 -21.73 -14.32 13.50
N ASP D 186 -21.27 -14.75 12.33
CA ASP D 186 -19.99 -14.35 11.78
C ASP D 186 -20.13 -13.27 10.70
N MET D 187 -21.31 -12.67 10.58
CA MET D 187 -21.61 -11.71 9.53
C MET D 187 -21.97 -10.37 10.14
N SER D 188 -21.48 -9.29 9.54
CA SER D 188 -21.75 -7.95 10.05
C SER D 188 -23.13 -7.48 9.60
N LEU D 189 -23.83 -6.80 10.50
CA LEU D 189 -25.19 -6.35 10.24
C LEU D 189 -25.17 -4.91 9.74
N MET D 190 -25.91 -4.65 8.67
CA MET D 190 -26.07 -3.32 8.10
C MET D 190 -27.55 -3.05 7.89
N THR D 191 -28.03 -1.91 8.38
CA THR D 191 -29.45 -1.61 8.40
C THR D 191 -29.75 -0.45 7.46
N LEU D 192 -30.70 -0.66 6.55
CA LEU D 192 -31.20 0.39 5.67
C LEU D 192 -32.56 0.85 6.20
N SER D 193 -32.62 2.10 6.64
CA SER D 193 -33.85 2.69 7.17
C SER D 193 -34.37 3.74 6.20
N THR D 194 -35.61 3.57 5.74
CA THR D 194 -36.23 4.48 4.80
C THR D 194 -37.54 4.98 5.38
N LYS D 195 -37.67 6.30 5.44
CA LYS D 195 -38.92 6.97 5.80
C LYS D 195 -39.30 7.85 4.63
N THR D 196 -40.23 7.37 3.81
CA THR D 196 -40.65 8.02 2.58
C THR D 196 -42.17 8.10 2.52
N PRO D 197 -42.72 9.07 1.80
CA PRO D 197 -44.18 9.15 1.65
C PRO D 197 -44.73 7.93 0.93
N LYS D 198 -46.04 7.74 1.06
CA LYS D 198 -46.70 6.64 0.37
C LYS D 198 -46.64 6.86 -1.14
N ASP D 199 -46.47 5.76 -1.87
CA ASP D 199 -46.31 5.79 -3.33
C ASP D 199 -45.17 6.73 -3.73
N PHE D 200 -44.00 6.51 -3.13
CA PHE D 200 -42.81 7.28 -3.43
C PHE D 200 -41.87 6.56 -4.40
N PHE D 201 -41.86 5.23 -4.37
CA PHE D 201 -40.92 4.45 -5.17
C PHE D 201 -41.51 4.01 -6.51
N THR D 202 -42.69 4.51 -6.87
CA THR D 202 -43.18 4.33 -8.21
C THR D 202 -42.44 5.20 -9.22
N ASN D 203 -41.72 6.22 -8.75
CA ASN D 203 -40.93 7.08 -9.60
C ASN D 203 -39.45 7.13 -9.22
N HIS D 204 -39.06 6.54 -8.09
CA HIS D 204 -37.67 6.50 -7.67
C HIS D 204 -37.28 5.06 -7.37
N THR D 205 -35.98 4.79 -7.41
CA THR D 205 -35.47 3.45 -7.19
C THR D 205 -34.22 3.52 -6.31
N LEU D 206 -33.97 2.43 -5.59
CA LEU D 206 -32.79 2.29 -4.74
C LEU D 206 -31.93 1.15 -5.26
N VAL D 207 -30.63 1.40 -5.37
CA VAL D 207 -29.67 0.42 -5.87
C VAL D 207 -28.58 0.24 -4.83
N LEU D 208 -28.24 -1.01 -4.53
CA LEU D 208 -27.14 -1.34 -3.64
C LEU D 208 -26.01 -1.94 -4.47
N HIS D 209 -24.81 -1.37 -4.36
CA HIS D 209 -23.73 -1.82 -5.24
C HIS D 209 -22.38 -1.73 -4.54
N VAL D 210 -21.39 -2.35 -5.19
CA VAL D 210 -20.00 -2.35 -4.75
C VAL D 210 -19.13 -2.31 -6.00
N ALA D 211 -17.90 -1.82 -5.85
CA ALA D 211 -17.00 -1.70 -6.98
C ALA D 211 -16.60 -3.07 -7.50
N ARG D 212 -16.27 -3.12 -8.80
CA ARG D 212 -15.87 -4.38 -9.42
C ARG D 212 -14.54 -4.90 -8.91
N SER D 213 -13.71 -4.03 -8.34
CA SER D 213 -12.43 -4.49 -7.78
C SER D 213 -12.63 -5.24 -6.48
N GLU D 214 -13.56 -4.77 -5.63
CA GLU D 214 -13.82 -5.38 -4.34
C GLU D 214 -15.01 -6.33 -4.38
N MET D 215 -15.65 -6.52 -5.54
CA MET D 215 -16.84 -7.35 -5.60
C MET D 215 -16.54 -8.84 -5.40
N ASP D 216 -15.30 -9.27 -5.63
CA ASP D 216 -14.95 -10.67 -5.49
C ASP D 216 -14.45 -11.02 -4.10
N LYS D 217 -14.51 -10.07 -3.16
CA LYS D 217 -14.04 -10.30 -1.79
C LYS D 217 -15.12 -9.91 -0.77
N VAL D 218 -16.39 -10.01 -1.16
CA VAL D 218 -17.48 -9.62 -0.27
C VAL D 218 -18.75 -10.32 -0.76
N ARG D 219 -19.67 -10.57 0.17
CA ARG D 219 -20.98 -11.12 -0.16
C ARG D 219 -22.00 -10.60 0.85
N VAL D 220 -23.17 -10.21 0.33
CA VAL D 220 -24.22 -9.59 1.13
C VAL D 220 -25.49 -10.42 0.98
N PHE D 221 -26.10 -10.76 2.12
CA PHE D 221 -27.36 -11.50 2.16
C PHE D 221 -28.44 -10.63 2.76
N GLN D 222 -29.58 -10.52 2.08
CA GLN D 222 -30.71 -9.77 2.61
C GLN D 222 -31.56 -10.68 3.49
N ALA D 223 -31.82 -10.22 4.72
CA ALA D 223 -32.58 -11.01 5.68
C ALA D 223 -34.07 -10.79 5.46
N THR D 224 -34.80 -11.88 5.25
CA THR D 224 -36.23 -11.81 5.02
C THR D 224 -37.01 -12.34 6.22
N LYS D 231 -34.22 -18.16 4.01
CA LYS D 231 -34.51 -16.77 4.36
C LYS D 231 -33.49 -15.82 3.77
N CYS D 232 -32.22 -16.06 4.07
CA CYS D 232 -31.14 -15.19 3.59
C CYS D 232 -30.90 -15.44 2.11
N SER D 233 -31.14 -14.41 1.30
CA SER D 233 -30.92 -14.48 -0.13
C SER D 233 -29.81 -13.51 -0.53
N VAL D 234 -28.92 -13.96 -1.40
CA VAL D 234 -27.76 -13.15 -1.79
C VAL D 234 -28.21 -12.03 -2.73
N VAL D 235 -27.69 -10.83 -2.49
CA VAL D 235 -27.96 -9.68 -3.34
C VAL D 235 -26.70 -9.18 -4.03
N LEU D 236 -25.56 -9.15 -3.33
CA LEU D 236 -24.28 -8.72 -3.87
C LEU D 236 -23.24 -9.80 -3.61
N GLY D 237 -22.33 -9.98 -4.55
CA GLY D 237 -21.29 -10.98 -4.41
C GLY D 237 -20.29 -10.96 -5.54
N PRO D 238 -19.48 -12.01 -5.65
CA PRO D 238 -18.48 -12.08 -6.72
C PRO D 238 -19.08 -12.19 -8.12
N LYS D 239 -20.39 -12.33 -8.24
CA LYS D 239 -21.05 -12.42 -9.54
C LYS D 239 -21.90 -11.19 -9.86
N TRP D 240 -22.74 -10.77 -8.92
CA TRP D 240 -23.59 -9.61 -9.12
C TRP D 240 -23.00 -8.40 -8.40
N PRO D 241 -22.55 -7.37 -9.11
CA PRO D 241 -22.04 -6.17 -8.44
C PRO D 241 -23.09 -5.11 -8.14
N SER D 242 -24.35 -5.35 -8.48
CA SER D 242 -25.42 -4.40 -8.22
C SER D 242 -26.71 -5.15 -7.95
N HIS D 243 -27.60 -4.53 -7.18
CA HIS D 243 -28.91 -5.09 -6.92
C HIS D 243 -29.94 -3.98 -6.81
N TYR D 244 -31.15 -4.27 -7.30
CA TYR D 244 -32.27 -3.34 -7.34
C TYR D 244 -33.17 -3.64 -6.15
N LEU D 245 -33.00 -2.89 -5.07
CA LEU D 245 -33.78 -3.14 -3.87
C LEU D 245 -35.24 -2.80 -4.09
N MET D 246 -36.12 -3.57 -3.45
CA MET D 246 -37.57 -3.36 -3.52
C MET D 246 -38.04 -2.87 -2.15
N VAL D 247 -38.40 -1.60 -2.07
CA VAL D 247 -38.76 -0.98 -0.79
C VAL D 247 -40.20 -0.48 -0.87
N PRO D 248 -41.04 -0.73 0.13
CA PRO D 248 -42.37 -0.16 0.16
C PRO D 248 -42.38 1.24 0.78
N GLY D 249 -43.44 1.98 0.45
CA GLY D 249 -43.58 3.32 0.98
C GLY D 249 -43.90 3.33 2.46
N GLY D 250 -43.64 4.48 3.08
CA GLY D 250 -43.86 4.64 4.50
C GLY D 250 -42.55 4.48 5.28
N LYS D 251 -42.60 3.71 6.36
CA LYS D 251 -41.43 3.42 7.18
C LYS D 251 -41.01 1.97 6.94
N HIS D 252 -39.74 1.76 6.67
CA HIS D 252 -39.25 0.41 6.36
C HIS D 252 -37.81 0.27 6.83
N ASN D 253 -37.51 -0.87 7.46
CA ASN D 253 -36.16 -1.24 7.85
C ASN D 253 -35.79 -2.55 7.17
N MET D 254 -34.61 -2.58 6.56
CA MET D 254 -34.09 -3.78 5.92
C MET D 254 -32.75 -4.14 6.54
N ASP D 255 -32.49 -5.45 6.65
CA ASP D 255 -31.29 -5.97 7.28
C ASP D 255 -30.45 -6.71 6.26
N PHE D 256 -29.15 -6.42 6.25
CA PHE D 256 -28.20 -7.09 5.38
C PHE D 256 -27.06 -7.66 6.22
N TYR D 257 -26.63 -8.86 5.87
CA TYR D 257 -25.50 -9.52 6.52
C TYR D 257 -24.35 -9.57 5.53
N VAL D 258 -23.22 -8.99 5.91
CA VAL D 258 -22.05 -8.87 5.06
C VAL D 258 -20.98 -9.82 5.55
N GLU D 259 -20.33 -10.51 4.61
CA GLU D 259 -19.22 -11.39 4.90
C GLU D 259 -18.10 -11.15 3.90
N ALA D 260 -16.87 -11.43 4.31
CA ALA D 260 -15.70 -11.27 3.48
C ALA D 260 -15.20 -12.63 3.02
N LEU D 261 -14.57 -12.66 1.85
CA LEU D 261 -14.08 -13.89 1.27
C LEU D 261 -12.55 -13.95 1.14
N ALA D 262 -11.84 -12.91 1.56
CA ALA D 262 -10.40 -12.88 1.40
C ALA D 262 -9.76 -12.04 2.49
N PHE D 263 -8.64 -12.53 3.02
CA PHE D 263 -7.85 -11.78 3.98
C PHE D 263 -7.09 -10.65 3.27
N PRO D 264 -6.70 -9.60 3.99
CA PRO D 264 -5.85 -8.58 3.38
C PRO D 264 -4.54 -9.17 2.89
N ASP D 265 -4.11 -8.72 1.72
CA ASP D 265 -2.90 -9.23 1.09
C ASP D 265 -2.20 -8.06 0.40
N THR D 266 -1.17 -8.37 -0.39
CA THR D 266 -0.45 -7.33 -1.12
C THR D 266 -1.30 -6.72 -2.22
N ASP D 267 -2.31 -7.43 -2.72
CA ASP D 267 -3.21 -6.94 -3.74
C ASP D 267 -4.56 -6.50 -3.19
N PHE D 268 -4.68 -6.38 -1.87
CA PHE D 268 -5.94 -6.03 -1.22
C PHE D 268 -5.62 -5.24 0.03
N PRO D 269 -5.78 -3.92 -0.01
CA PRO D 269 -5.53 -3.12 1.22
C PRO D 269 -6.42 -3.51 2.38
N GLY D 270 -7.66 -3.93 2.13
CA GLY D 270 -8.52 -4.40 3.20
C GLY D 270 -9.78 -3.59 3.39
N LEU D 271 -10.03 -2.62 2.52
CA LEU D 271 -11.17 -1.72 2.63
C LEU D 271 -12.21 -2.04 1.58
N ILE D 272 -13.46 -2.14 1.99
CA ILE D 272 -14.58 -2.44 1.10
C ILE D 272 -15.65 -1.39 1.31
N THR D 273 -16.11 -0.76 0.24
CA THR D 273 -17.12 0.29 0.31
C THR D 273 -18.41 -0.21 -0.33
N LEU D 274 -19.51 -0.17 0.43
CA LEU D 274 -20.83 -0.54 -0.06
C LEU D 274 -21.67 0.72 -0.20
N THR D 275 -22.24 0.93 -1.39
CA THR D 275 -22.91 2.17 -1.72
C THR D 275 -24.39 1.94 -1.98
N ILE D 276 -25.21 2.88 -1.53
CA ILE D 276 -26.64 2.93 -1.84
C ILE D 276 -26.89 4.18 -2.66
N SER D 277 -27.62 4.02 -3.76
CA SER D 277 -27.90 5.10 -4.69
C SER D 277 -29.40 5.23 -4.89
N LEU D 278 -29.91 6.44 -4.72
CA LEU D 278 -31.30 6.76 -5.03
C LEU D 278 -31.36 7.44 -6.39
N LEU D 279 -32.07 6.81 -7.33
CA LEU D 279 -32.16 7.25 -8.71
C LEU D 279 -33.58 7.67 -9.02
N ASP D 280 -33.72 8.69 -9.86
CA ASP D 280 -35.03 9.12 -10.34
C ASP D 280 -35.41 8.35 -11.59
N THR D 281 -36.64 7.86 -11.63
CA THR D 281 -37.15 7.09 -12.77
C THR D 281 -38.54 7.62 -13.13
N SER D 282 -38.64 8.94 -13.25
CA SER D 282 -39.93 9.56 -13.57
C SER D 282 -40.33 9.30 -15.01
N ASN D 283 -39.39 9.44 -15.95
CA ASN D 283 -39.65 9.27 -17.37
C ASN D 283 -39.16 7.89 -17.81
N LEU D 284 -40.00 7.18 -18.55
CA LEU D 284 -39.64 5.83 -18.99
C LEU D 284 -38.58 5.86 -20.07
N GLU D 285 -38.73 6.73 -21.06
CA GLU D 285 -37.76 6.78 -22.16
C GLU D 285 -36.42 7.29 -21.68
N LEU D 286 -36.41 8.30 -20.83
CA LEU D 286 -35.16 8.85 -20.33
C LEU D 286 -34.48 7.88 -19.37
N PRO D 287 -33.16 7.79 -19.40
CA PRO D 287 -32.45 6.91 -18.48
C PRO D 287 -32.54 7.42 -17.05
N GLU D 288 -32.35 6.49 -16.11
CA GLU D 288 -32.39 6.84 -14.70
C GLU D 288 -31.23 7.76 -14.34
N ALA D 289 -31.52 8.78 -13.54
CA ALA D 289 -30.54 9.76 -13.11
C ALA D 289 -30.33 9.65 -11.60
N VAL D 290 -29.07 9.64 -11.19
CA VAL D 290 -28.72 9.49 -9.78
C VAL D 290 -29.05 10.78 -9.04
N VAL D 291 -29.79 10.66 -7.93
CA VAL D 291 -30.17 11.81 -7.14
C VAL D 291 -29.53 11.81 -5.75
N PHE D 292 -29.26 10.64 -5.18
CA PHE D 292 -28.65 10.59 -3.86
C PHE D 292 -27.68 9.42 -3.81
N GLN D 293 -26.66 9.56 -2.96
CA GLN D 293 -25.69 8.48 -2.79
C GLN D 293 -25.13 8.51 -1.37
N ASP D 294 -25.11 7.35 -0.72
CA ASP D 294 -24.51 7.19 0.59
C ASP D 294 -23.65 5.94 0.57
N SER D 295 -22.66 5.88 1.47
CA SER D 295 -21.72 4.77 1.45
C SER D 295 -21.33 4.38 2.86
N VAL D 296 -20.91 3.13 3.01
CA VAL D 296 -20.42 2.58 4.27
C VAL D 296 -19.12 1.83 3.98
N VAL D 297 -18.10 2.09 4.80
CA VAL D 297 -16.76 1.54 4.60
C VAL D 297 -16.47 0.53 5.69
N PHE D 298 -16.10 -0.68 5.28
CA PHE D 298 -15.68 -1.76 6.17
C PHE D 298 -14.20 -2.03 5.98
N ARG D 299 -13.54 -2.48 7.05
CA ARG D 299 -12.17 -2.96 6.98
C ARG D 299 -12.15 -4.43 7.40
N VAL D 300 -11.46 -5.25 6.63
CA VAL D 300 -11.36 -6.68 6.94
C VAL D 300 -10.38 -6.87 8.09
N ALA D 301 -10.80 -7.61 9.10
CA ALA D 301 -9.96 -7.83 10.27
C ALA D 301 -8.74 -8.66 9.90
N PRO D 302 -7.54 -8.24 10.27
CA PRO D 302 -6.34 -8.99 9.91
C PRO D 302 -6.15 -10.23 10.78
N TRP D 303 -5.19 -11.06 10.38
CA TRP D 303 -4.82 -12.26 11.13
C TRP D 303 -3.72 -11.89 12.12
N ILE D 304 -3.93 -12.27 13.39
CA ILE D 304 -3.10 -11.81 14.49
C ILE D 304 -2.52 -13.02 15.21
N MET D 305 -1.21 -12.99 15.44
CA MET D 305 -0.51 -14.03 16.19
C MET D 305 -0.62 -13.77 17.70
N THR D 306 -0.21 -14.77 18.48
CA THR D 306 -0.21 -14.67 19.94
C THR D 306 1.13 -15.17 20.47
N PRO D 307 1.80 -14.40 21.34
CA PRO D 307 3.12 -14.83 21.85
C PRO D 307 3.02 -15.83 22.98
N ASN D 308 4.17 -16.18 23.56
CA ASN D 308 4.24 -17.16 24.64
C ASN D 308 3.78 -16.60 25.99
N THR D 309 3.57 -15.28 26.10
CA THR D 309 3.12 -14.69 27.35
C THR D 309 1.61 -14.75 27.53
N GLN D 310 0.87 -15.10 26.49
CA GLN D 310 -0.58 -15.24 26.61
C GLN D 310 -0.93 -16.58 27.27
N PRO D 311 -2.02 -16.62 28.04
CA PRO D 311 -2.41 -17.87 28.70
C PRO D 311 -2.76 -18.95 27.68
N PRO D 312 -2.39 -20.20 27.95
CA PRO D 312 -2.71 -21.28 27.02
C PRO D 312 -4.11 -21.81 27.23
N GLN D 313 -4.65 -22.40 26.17
CA GLN D 313 -5.98 -22.98 26.18
C GLN D 313 -6.02 -24.42 25.67
N GLU D 314 -5.20 -24.76 24.67
CA GLU D 314 -5.19 -26.09 24.11
C GLU D 314 -3.80 -26.40 23.57
N VAL D 315 -3.34 -27.63 23.78
CA VAL D 315 -2.02 -28.08 23.35
C VAL D 315 -2.20 -29.25 22.40
N TYR D 316 -1.54 -29.18 21.25
CA TYR D 316 -1.58 -30.22 20.24
C TYR D 316 -0.29 -31.04 20.27
N ALA D 317 -0.41 -32.32 19.94
CA ALA D 317 0.72 -33.22 19.93
C ALA D 317 0.42 -34.38 18.99
N CYS D 318 1.47 -35.13 18.64
CA CYS D 318 1.36 -36.25 17.74
C CYS D 318 1.75 -37.53 18.47
N SER D 319 1.11 -38.65 18.10
CA SER D 319 1.36 -39.94 18.71
C SER D 319 1.98 -40.86 17.66
N ILE D 320 3.30 -40.75 17.51
CA ILE D 320 4.08 -41.65 16.66
C ILE D 320 4.55 -42.82 17.51
N PHE D 321 5.06 -43.87 16.85
CA PHE D 321 5.62 -45.00 17.56
C PHE D 321 6.70 -44.55 18.54
N GLU D 322 6.79 -45.26 19.67
CA GLU D 322 7.72 -45.04 20.77
C GLU D 322 7.64 -43.64 21.36
N ASN D 323 6.59 -42.87 21.03
CA ASN D 323 6.37 -41.55 21.61
C ASN D 323 5.36 -41.67 22.75
N GLU D 324 5.81 -42.27 23.86
CA GLU D 324 4.95 -42.54 25.00
C GLU D 324 5.33 -41.74 26.25
N ASP D 325 6.60 -41.77 26.64
CA ASP D 325 7.03 -41.00 27.81
C ASP D 325 6.94 -39.50 27.55
N PHE D 326 7.29 -39.07 26.33
CA PHE D 326 7.15 -37.67 25.96
C PHE D 326 5.69 -37.24 26.04
N LEU D 327 4.78 -38.09 25.54
CA LEU D 327 3.36 -37.76 25.60
C LEU D 327 2.86 -37.74 27.03
N LYS D 328 3.37 -38.64 27.88
CA LYS D 328 2.99 -38.63 29.29
C LYS D 328 3.43 -37.34 29.98
N SER D 329 4.66 -36.91 29.71
CA SER D 329 5.14 -35.65 30.28
C SER D 329 4.32 -34.47 29.78
N VAL D 330 3.97 -34.48 28.49
CA VAL D 330 3.17 -33.39 27.94
C VAL D 330 1.78 -33.38 28.58
N THR D 331 1.18 -34.55 28.78
CA THR D 331 -0.13 -34.61 29.42
C THR D 331 -0.06 -34.10 30.85
N THR D 332 0.98 -34.47 31.59
CA THR D 332 1.13 -33.99 32.96
C THR D 332 1.29 -32.47 32.99
N LEU D 333 2.12 -31.92 32.08
CA LEU D 333 2.32 -30.48 32.03
C LEU D 333 1.03 -29.75 31.67
N ALA D 334 0.28 -30.28 30.71
CA ALA D 334 -0.98 -29.67 30.32
C ALA D 334 -2.00 -29.72 31.46
N MET D 335 -2.07 -30.83 32.18
CA MET D 335 -2.97 -30.93 33.32
C MET D 335 -2.59 -29.94 34.41
N LYS D 336 -1.29 -29.78 34.66
CA LYS D 336 -0.85 -28.80 35.65
C LYS D 336 -1.19 -27.38 35.20
N ALA D 337 -1.05 -27.10 33.91
CA ALA D 337 -1.35 -25.78 33.37
C ALA D 337 -2.84 -25.56 33.12
N LYS D 338 -3.67 -26.56 33.34
CA LYS D 338 -5.12 -26.46 33.21
C LYS D 338 -5.52 -26.14 31.77
N CYS D 339 -5.15 -27.04 30.87
CA CYS D 339 -5.53 -26.92 29.46
C CYS D 339 -5.72 -28.32 28.89
N LYS D 340 -6.47 -28.40 27.80
CA LYS D 340 -6.80 -29.67 27.17
C LYS D 340 -5.71 -30.09 26.20
N LEU D 341 -5.79 -31.34 25.75
CA LEU D 341 -4.82 -31.89 24.81
C LEU D 341 -5.55 -32.45 23.59
N THR D 342 -4.89 -32.35 22.44
CA THR D 342 -5.39 -32.91 21.18
C THR D 342 -4.27 -33.72 20.55
N ILE D 343 -4.43 -35.03 20.51
CA ILE D 343 -3.41 -35.95 20.03
C ILE D 343 -3.85 -36.51 18.68
N CYS D 344 -2.97 -36.41 17.69
CA CYS D 344 -3.24 -36.96 16.36
C CYS D 344 -2.77 -38.40 16.31
N PRO D 345 -3.65 -39.36 16.00
CA PRO D 345 -3.22 -40.76 15.95
C PRO D 345 -2.25 -41.01 14.81
N GLU D 346 -1.42 -42.05 14.98
CA GLU D 346 -0.42 -42.39 13.98
C GLU D 346 -1.06 -42.71 12.64
N GLU D 347 -2.31 -43.17 12.63
CA GLU D 347 -3.01 -43.43 11.38
C GLU D 347 -3.24 -42.16 10.58
N GLU D 348 -3.13 -40.99 11.22
CA GLU D 348 -3.24 -39.71 10.53
C GLU D 348 -1.93 -38.93 10.51
N ASN D 349 -0.95 -39.29 11.36
CA ASN D 349 0.34 -38.62 11.33
C ASN D 349 1.07 -38.88 10.02
N MET D 350 0.94 -40.11 9.49
CA MET D 350 1.80 -40.58 8.40
C MET D 350 3.27 -40.49 8.79
N ASP D 351 3.56 -40.87 10.04
CA ASP D 351 4.92 -40.87 10.58
C ASP D 351 5.54 -39.47 10.60
N ASP D 352 4.71 -38.45 10.79
CA ASP D 352 5.16 -37.08 10.93
C ASP D 352 4.88 -36.61 12.36
N GLN D 353 5.92 -36.15 13.05
CA GLN D 353 5.81 -35.77 14.46
C GLN D 353 6.06 -34.29 14.69
N TRP D 354 6.21 -33.50 13.63
CA TRP D 354 6.56 -32.08 13.76
C TRP D 354 5.28 -31.25 13.71
N MET D 355 4.61 -31.18 14.85
CA MET D 355 3.35 -30.46 14.95
C MET D 355 3.53 -28.96 14.78
N GLN D 356 4.64 -28.42 15.27
CA GLN D 356 4.85 -26.97 15.26
C GLN D 356 4.97 -26.43 13.83
N ASP D 357 5.67 -27.17 12.96
CA ASP D 357 6.01 -26.63 11.64
C ASP D 357 4.82 -26.59 10.71
N GLU D 358 3.82 -27.46 10.91
CA GLU D 358 2.77 -27.62 9.92
C GLU D 358 1.78 -26.46 9.93
N MET D 359 1.46 -25.91 11.10
CA MET D 359 0.43 -24.89 11.19
C MET D 359 0.78 -23.90 12.28
N GLU D 360 0.17 -22.72 12.21
CA GLU D 360 0.31 -21.69 13.22
C GLU D 360 -1.06 -21.14 13.56
N ILE D 361 -1.36 -21.02 14.85
CA ILE D 361 -2.71 -20.64 15.29
C ILE D 361 -2.70 -19.18 15.72
N GLY D 362 -3.60 -18.39 15.13
CA GLY D 362 -3.84 -17.03 15.55
C GLY D 362 -5.32 -16.80 15.71
N TYR D 363 -5.79 -15.55 15.61
CA TYR D 363 -7.20 -15.28 15.80
C TYR D 363 -7.61 -14.09 14.94
N ILE D 364 -8.93 -13.92 14.80
CA ILE D 364 -9.51 -12.72 14.21
C ILE D 364 -10.66 -12.27 15.09
N GLN D 365 -10.74 -10.96 15.34
CA GLN D 365 -11.72 -10.41 16.25
C GLN D 365 -12.40 -9.19 15.64
N ALA D 366 -13.62 -8.94 16.08
CA ALA D 366 -14.45 -7.84 15.64
C ALA D 366 -15.41 -7.50 16.76
N PRO D 367 -15.95 -6.27 16.79
CA PRO D 367 -16.77 -5.83 17.93
C PRO D 367 -17.91 -6.76 18.31
N HIS D 368 -18.24 -7.72 17.43
CA HIS D 368 -19.32 -8.65 17.71
C HIS D 368 -18.87 -10.10 17.85
N LYS D 369 -17.71 -10.48 17.35
CA LYS D 369 -17.33 -11.89 17.33
C LYS D 369 -15.82 -12.03 17.24
N THR D 370 -15.27 -12.96 18.00
CA THR D 370 -13.86 -13.33 17.91
C THR D 370 -13.75 -14.84 17.76
N LEU D 371 -12.78 -15.29 16.96
CA LEU D 371 -12.63 -16.72 16.72
C LEU D 371 -11.22 -17.01 16.26
N PRO D 372 -10.66 -18.16 16.64
CA PRO D 372 -9.31 -18.52 16.19
C PRO D 372 -9.28 -18.92 14.72
N VAL D 373 -8.08 -18.82 14.15
CA VAL D 373 -7.82 -19.17 12.76
C VAL D 373 -6.52 -19.95 12.71
N VAL D 374 -6.45 -20.92 11.81
CA VAL D 374 -5.24 -21.72 11.62
C VAL D 374 -4.64 -21.38 10.27
N PHE D 375 -3.36 -21.02 10.27
CA PHE D 375 -2.58 -20.73 9.07
C PHE D 375 -1.80 -21.98 8.70
N ASP D 376 -2.05 -22.50 7.50
CA ASP D 376 -1.45 -23.73 7.03
C ASP D 376 -0.16 -23.42 6.27
N SER D 377 0.93 -24.05 6.69
CA SER D 377 2.21 -23.83 6.05
C SER D 377 2.22 -24.43 4.65
N PRO D 378 2.96 -23.83 3.71
CA PRO D 378 3.10 -24.44 2.38
C PRO D 378 3.73 -25.82 2.42
N ARG D 379 4.52 -26.13 3.44
CA ARG D 379 5.02 -27.48 3.61
C ARG D 379 3.88 -28.47 3.80
N ASN D 380 3.92 -29.58 3.09
CA ASN D 380 2.90 -30.63 3.16
C ASN D 380 3.60 -31.97 3.32
N ARG D 381 3.85 -32.37 4.56
CA ARG D 381 4.53 -33.62 4.88
C ARG D 381 3.75 -34.35 5.96
N GLY D 382 2.96 -35.35 5.56
CA GLY D 382 2.26 -36.18 6.52
C GLY D 382 1.08 -35.50 7.19
N LEU D 383 1.33 -34.36 7.85
CA LEU D 383 0.30 -33.61 8.55
C LEU D 383 -0.39 -32.60 7.64
N LYS D 384 -0.40 -32.81 6.33
CA LYS D 384 -0.99 -31.86 5.41
C LYS D 384 -2.51 -31.83 5.50
N GLU D 385 -3.13 -32.87 6.07
CA GLU D 385 -4.58 -32.94 6.17
C GLU D 385 -5.11 -32.59 7.56
N PHE D 386 -4.25 -32.54 8.57
CA PHE D 386 -4.73 -32.23 9.92
C PHE D 386 -5.33 -30.83 10.04
N PRO D 387 -4.68 -29.75 9.59
CA PRO D 387 -5.29 -28.42 9.76
C PRO D 387 -6.58 -28.22 8.99
N ILE D 388 -6.87 -29.07 8.00
CA ILE D 388 -8.07 -28.92 7.19
C ILE D 388 -9.17 -29.91 7.59
N LYS D 389 -8.83 -30.99 8.27
CA LYS D 389 -9.81 -32.00 8.64
C LYS D 389 -10.08 -32.12 10.14
N ARG D 390 -9.13 -31.73 10.98
CA ARG D 390 -9.29 -31.91 12.42
C ARG D 390 -9.03 -30.63 13.22
N VAL D 391 -8.84 -29.50 12.55
CA VAL D 391 -8.65 -28.23 13.25
C VAL D 391 -9.79 -27.28 12.88
N MET D 392 -9.96 -27.05 11.59
CA MET D 392 -11.02 -26.14 11.14
C MET D 392 -12.38 -26.77 11.38
N GLY D 393 -13.28 -26.01 12.01
CA GLY D 393 -14.61 -26.47 12.30
C GLY D 393 -15.51 -25.33 12.70
N PRO D 394 -16.45 -25.58 13.62
CA PRO D 394 -17.29 -24.50 14.14
C PRO D 394 -16.47 -23.51 14.94
N ASP D 395 -16.56 -22.24 14.54
CA ASP D 395 -15.81 -21.15 15.19
C ASP D 395 -14.31 -21.42 15.19
N PHE D 396 -13.80 -21.89 14.05
CA PHE D 396 -12.36 -22.13 13.88
C PHE D 396 -12.06 -22.00 12.40
N GLY D 397 -11.51 -20.85 12.00
CA GLY D 397 -11.26 -20.59 10.60
C GLY D 397 -9.96 -21.16 10.08
N TYR D 398 -9.81 -21.14 8.76
CA TYR D 398 -8.66 -21.71 8.09
C TYR D 398 -8.17 -20.77 7.00
N VAL D 399 -6.85 -20.66 6.86
CA VAL D 399 -6.24 -19.83 5.83
C VAL D 399 -4.91 -20.48 5.45
N THR D 400 -4.55 -20.34 4.17
CA THR D 400 -3.30 -20.90 3.67
C THR D 400 -2.75 -20.04 2.55
N ARG D 401 -1.44 -20.10 2.35
CA ARG D 401 -0.77 -19.35 1.31
C ARG D 401 0.38 -20.20 0.77
N GLY D 402 1.02 -19.69 -0.29
CA GLY D 402 2.19 -20.32 -0.86
C GLY D 402 1.86 -21.36 -1.91
N PRO D 403 2.89 -21.88 -2.58
CA PRO D 403 2.67 -22.91 -3.60
C PRO D 403 2.43 -24.27 -2.95
N GLN D 404 1.24 -24.82 -3.15
CA GLN D 404 0.88 -26.08 -2.50
C GLN D 404 1.70 -27.24 -3.03
N THR D 405 1.92 -27.28 -4.35
CA THR D 405 2.69 -28.36 -4.97
C THR D 405 4.01 -27.87 -5.55
N GLY D 406 4.37 -26.61 -5.34
CA GLY D 406 5.59 -26.06 -5.90
C GLY D 406 6.80 -26.35 -5.04
N GLY D 407 7.89 -25.64 -5.36
CA GLY D 407 9.14 -25.80 -4.65
C GLY D 407 9.29 -24.75 -3.57
N ILE D 408 9.69 -25.20 -2.39
CA ILE D 408 9.89 -24.35 -1.23
C ILE D 408 11.17 -24.80 -0.51
N SER D 409 11.49 -24.11 0.57
CA SER D 409 12.68 -24.40 1.36
C SER D 409 12.28 -24.81 2.78
N GLY D 410 13.29 -25.10 3.60
CA GLY D 410 13.06 -25.45 4.98
C GLY D 410 12.75 -24.28 5.90
N LEU D 411 12.89 -23.06 5.40
CA LEU D 411 12.57 -21.86 6.16
C LEU D 411 11.10 -21.49 6.08
N ASP D 412 10.30 -22.22 5.30
CA ASP D 412 8.87 -22.00 5.22
C ASP D 412 8.09 -22.69 6.32
N SER D 413 8.72 -23.61 7.07
CA SER D 413 8.05 -24.25 8.18
C SER D 413 7.76 -23.24 9.28
N PHE D 414 6.58 -23.34 9.87
CA PHE D 414 6.13 -22.35 10.84
C PHE D 414 6.77 -22.49 12.21
N GLY D 415 7.81 -23.31 12.34
CA GLY D 415 8.70 -23.18 13.47
C GLY D 415 9.68 -22.04 13.36
N ASN D 416 9.77 -21.47 12.16
CA ASN D 416 10.57 -20.29 11.88
C ASN D 416 9.80 -18.99 12.08
N LEU D 417 8.50 -19.08 12.38
CA LEU D 417 7.65 -17.91 12.56
C LEU D 417 7.27 -17.80 14.03
N GLU D 418 7.61 -16.68 14.66
CA GLU D 418 7.27 -16.44 16.05
C GLU D 418 6.81 -15.00 16.20
N VAL D 419 6.40 -14.62 17.42
CA VAL D 419 5.94 -13.28 17.69
C VAL D 419 6.33 -12.91 19.11
N SER D 420 6.66 -11.63 19.31
CA SER D 420 7.16 -11.07 20.55
C SER D 420 6.02 -10.50 21.39
N PRO D 421 6.24 -10.28 22.68
CA PRO D 421 5.23 -9.61 23.51
C PRO D 421 5.09 -8.15 23.13
N PRO D 422 4.05 -7.47 23.60
CA PRO D 422 3.90 -6.04 23.30
C PRO D 422 5.10 -5.23 23.77
N VAL D 423 5.53 -4.28 22.95
CA VAL D 423 6.76 -3.55 23.20
C VAL D 423 6.63 -2.09 22.76
N THR D 424 7.35 -1.22 23.46
CA THR D 424 7.47 0.18 23.10
C THR D 424 8.88 0.43 22.57
N VAL D 425 8.97 0.86 21.31
CA VAL D 425 10.24 1.08 20.63
C VAL D 425 10.32 2.58 20.33
N ARG D 426 11.11 3.30 21.11
CA ARG D 426 11.41 4.72 20.88
C ARG D 426 10.12 5.53 20.69
N GLY D 427 9.15 5.26 21.55
CA GLY D 427 7.88 5.97 21.49
C GLY D 427 6.79 5.22 20.75
N LYS D 428 7.16 4.52 19.67
CA LYS D 428 6.18 3.77 18.91
C LYS D 428 5.69 2.58 19.73
N GLU D 429 4.38 2.31 19.66
CA GLU D 429 3.76 1.29 20.47
C GLU D 429 3.39 0.08 19.61
N TYR D 430 3.62 -1.12 20.16
CA TYR D 430 3.20 -2.37 19.54
C TYR D 430 2.47 -3.16 20.63
N PRO D 431 1.17 -2.91 20.81
CA PRO D 431 0.43 -3.59 21.89
C PRO D 431 0.12 -5.05 21.58
N LEU D 432 0.40 -5.52 20.36
CA LEU D 432 0.21 -6.92 20.01
C LEU D 432 1.53 -7.64 19.75
N GLY D 433 2.64 -6.93 19.78
CA GLY D 433 3.94 -7.52 19.53
C GLY D 433 4.38 -7.33 18.09
N ARG D 434 5.50 -7.97 17.76
CA ARG D 434 6.06 -7.94 16.43
C ARG D 434 6.39 -9.35 15.97
N ILE D 435 6.22 -9.58 14.67
CA ILE D 435 6.46 -10.91 14.09
C ILE D 435 7.93 -11.05 13.76
N LEU D 436 8.49 -12.21 14.07
CA LEU D 436 9.91 -12.50 13.82
C LEU D 436 10.02 -13.77 12.99
N PHE D 437 10.81 -13.70 11.92
CA PHE D 437 11.10 -14.87 11.11
C PHE D 437 12.52 -14.78 10.60
N GLY D 438 13.07 -15.93 10.23
CA GLY D 438 14.47 -16.01 9.88
C GLY D 438 14.76 -15.81 8.40
N ASP D 439 15.95 -15.31 8.11
CA ASP D 439 16.40 -15.08 6.74
C ASP D 439 17.93 -15.25 6.73
N SER D 440 18.55 -14.78 5.65
CA SER D 440 20.00 -14.80 5.52
C SER D 440 20.55 -13.38 5.58
N CYS D 441 21.88 -13.29 5.65
CA CYS D 441 22.51 -11.98 5.69
C CYS D 441 22.34 -11.24 4.37
N TYR D 442 22.64 -11.91 3.25
CA TYR D 442 22.48 -11.34 1.93
C TYR D 442 22.09 -12.45 0.96
N PRO D 443 21.35 -12.13 -0.10
CA PRO D 443 20.99 -13.16 -1.08
C PRO D 443 22.21 -13.68 -1.83
N SER D 444 22.14 -14.95 -2.19
CA SER D 444 23.21 -15.62 -2.91
C SER D 444 22.62 -16.88 -3.56
N ASN D 445 23.50 -17.73 -4.10
CA ASN D 445 23.04 -18.94 -4.77
C ASN D 445 22.56 -19.99 -3.77
N ASP D 446 23.29 -20.16 -2.67
CA ASP D 446 22.98 -21.19 -1.69
C ASP D 446 22.06 -20.72 -0.58
N SER D 447 21.70 -19.44 -0.55
CA SER D 447 20.89 -18.91 0.54
C SER D 447 19.44 -19.39 0.43
N ARG D 448 18.74 -19.39 1.56
CA ARG D 448 17.34 -19.74 1.63
C ARG D 448 16.56 -18.57 2.20
N GLN D 449 15.23 -18.60 2.00
CA GLN D 449 14.38 -17.55 2.49
C GLN D 449 12.96 -18.07 2.64
N MET D 450 12.20 -17.42 3.51
CA MET D 450 10.77 -17.65 3.57
C MET D 450 10.11 -17.15 2.29
N HIS D 451 9.05 -17.84 1.87
CA HIS D 451 8.45 -17.53 0.58
C HIS D 451 7.91 -16.12 0.55
N GLN D 452 8.04 -15.48 -0.62
CA GLN D 452 7.60 -14.11 -0.77
C GLN D 452 6.10 -13.98 -0.54
N ALA D 453 5.31 -14.99 -0.92
CA ALA D 453 3.87 -14.93 -0.69
C ALA D 453 3.57 -14.81 0.80
N LEU D 454 4.23 -15.65 1.62
CA LEU D 454 4.05 -15.57 3.06
C LEU D 454 4.55 -14.24 3.60
N GLN D 455 5.66 -13.74 3.06
CA GLN D 455 6.21 -12.48 3.55
C GLN D 455 5.25 -11.32 3.30
N ASP D 456 4.70 -11.23 2.08
CA ASP D 456 3.73 -10.17 1.83
C ASP D 456 2.42 -10.38 2.58
N PHE D 457 2.02 -11.62 2.84
CA PHE D 457 0.84 -11.84 3.68
C PHE D 457 1.06 -11.27 5.08
N LEU D 458 2.18 -11.65 5.70
CA LEU D 458 2.47 -11.17 7.06
C LEU D 458 2.66 -9.67 7.08
N SER D 459 3.23 -9.08 6.03
CA SER D 459 3.38 -7.63 5.98
C SER D 459 2.02 -6.94 5.78
N ALA D 460 1.12 -7.56 5.02
CA ALA D 460 -0.22 -7.00 4.85
C ALA D 460 -1.00 -7.02 6.14
N GLN D 461 -0.80 -8.04 6.98
CA GLN D 461 -1.35 -7.95 8.32
C GLN D 461 -0.54 -6.91 9.11
N GLN D 462 -1.00 -5.66 9.09
CA GLN D 462 -0.19 -4.54 9.54
C GLN D 462 -0.08 -4.42 11.05
N VAL D 463 -0.93 -5.10 11.81
CA VAL D 463 -1.00 -4.88 13.25
C VAL D 463 0.31 -5.27 13.94
N GLN D 464 1.08 -6.18 13.35
CA GLN D 464 2.38 -6.58 13.88
C GLN D 464 3.39 -6.53 12.75
N ALA D 465 4.27 -5.54 12.79
CA ALA D 465 5.26 -5.38 11.73
C ALA D 465 6.31 -6.48 11.82
N PRO D 466 6.49 -7.30 10.79
CA PRO D 466 7.47 -8.39 10.86
C PRO D 466 8.90 -7.86 10.92
N VAL D 467 9.77 -8.66 11.55
CA VAL D 467 11.18 -8.36 11.69
C VAL D 467 11.98 -9.53 11.15
N LYS D 468 12.95 -9.24 10.29
CA LYS D 468 13.80 -10.27 9.69
C LYS D 468 15.02 -10.51 10.57
N LEU D 469 15.26 -11.78 10.91
CA LEU D 469 16.40 -12.18 11.72
C LEU D 469 17.30 -13.11 10.91
N TYR D 470 18.58 -13.13 11.27
CA TYR D 470 19.57 -13.96 10.59
C TYR D 470 19.51 -15.35 11.22
N SER D 471 18.88 -16.29 10.51
CA SER D 471 18.74 -17.66 10.99
C SER D 471 19.14 -18.71 9.95
N ASP D 472 19.67 -18.27 8.81
CA ASP D 472 20.08 -19.21 7.77
C ASP D 472 21.36 -19.97 8.11
N TRP D 473 22.12 -19.50 9.10
CA TRP D 473 23.34 -20.19 9.50
C TRP D 473 23.06 -21.56 10.11
N LEU D 474 21.85 -21.78 10.63
CA LEU D 474 21.48 -23.06 11.20
C LEU D 474 21.23 -24.08 10.09
N SER D 475 21.41 -25.36 10.43
CA SER D 475 21.16 -26.42 9.47
C SER D 475 19.68 -26.48 9.09
N VAL D 476 18.80 -26.29 10.06
CA VAL D 476 17.36 -26.29 9.79
C VAL D 476 16.88 -24.88 9.44
N GLY D 477 17.37 -23.87 10.15
CA GLY D 477 17.04 -22.50 9.84
C GLY D 477 15.77 -22.01 10.51
N HIS D 478 15.60 -22.31 11.79
CA HIS D 478 14.40 -21.95 12.55
C HIS D 478 14.78 -21.06 13.72
N VAL D 479 14.16 -19.88 13.80
CA VAL D 479 14.47 -18.94 14.86
C VAL D 479 14.12 -19.49 16.23
N ASP D 480 13.26 -20.51 16.30
CA ASP D 480 12.95 -21.12 17.58
C ASP D 480 14.11 -21.94 18.14
N GLU D 481 15.17 -22.17 17.35
CA GLU D 481 16.30 -22.96 17.83
C GLU D 481 17.29 -22.14 18.65
N PHE D 482 17.17 -20.81 18.68
CA PHE D 482 18.10 -20.01 19.47
C PHE D 482 17.48 -18.89 20.28
N LEU D 483 16.17 -18.63 20.17
CA LEU D 483 15.54 -17.57 20.94
C LEU D 483 14.20 -18.05 21.48
N SER D 484 13.80 -17.48 22.62
CA SER D 484 12.52 -17.80 23.23
C SER D 484 12.10 -16.65 24.11
N PHE D 485 10.81 -16.63 24.48
CA PHE D 485 10.26 -15.62 25.37
C PHE D 485 9.55 -16.30 26.54
N VAL D 486 9.75 -15.76 27.73
CA VAL D 486 9.10 -16.30 28.93
C VAL D 486 8.45 -15.15 29.71
N PRO D 487 7.42 -15.40 30.50
CA PRO D 487 6.82 -14.33 31.31
C PRO D 487 7.62 -14.07 32.58
N ALA D 488 7.43 -12.85 33.11
CA ALA D 488 8.10 -12.44 34.34
C ALA D 488 7.32 -11.29 34.95
N PRO D 489 7.10 -11.28 36.28
CA PRO D 489 6.31 -10.23 36.93
C PRO D 489 7.14 -9.02 37.37
N ASP D 490 7.93 -8.46 36.45
CA ASP D 490 8.70 -7.26 36.72
C ASP D 490 9.18 -6.67 35.41
N ARG D 491 9.59 -5.40 35.47
CA ARG D 491 10.14 -4.66 34.33
C ARG D 491 9.09 -4.65 33.22
N LYS D 492 9.45 -4.95 31.98
CA LYS D 492 8.50 -4.89 30.87
C LYS D 492 7.46 -6.01 30.92
N GLY D 493 7.66 -7.02 31.76
CA GLY D 493 6.72 -8.12 31.88
C GLY D 493 7.11 -9.38 31.16
N PHE D 494 8.32 -9.46 30.60
CA PHE D 494 8.77 -10.66 29.91
C PHE D 494 10.28 -10.72 29.98
N ARG D 495 10.81 -11.88 29.59
CA ARG D 495 12.29 -12.05 29.51
C ARG D 495 12.61 -12.80 28.21
N LEU D 496 13.60 -12.35 27.45
CA LEU D 496 14.04 -12.95 26.21
C LEU D 496 15.23 -13.86 26.50
N LEU D 497 15.08 -15.14 26.21
CA LEU D 497 16.13 -16.13 26.45
C LEU D 497 16.83 -16.44 25.14
N LEU D 498 18.15 -16.31 25.13
CA LEU D 498 18.98 -16.53 23.94
C LEU D 498 20.04 -17.57 24.25
N ALA D 499 20.29 -18.47 23.30
CA ALA D 499 21.33 -19.46 23.46
C ALA D 499 22.70 -18.78 23.48
N SER D 500 23.59 -19.29 24.33
CA SER D 500 24.91 -18.69 24.52
C SER D 500 25.94 -19.79 24.74
N PRO D 501 26.74 -20.11 23.72
CA PRO D 501 27.86 -21.05 23.94
C PRO D 501 28.86 -20.56 24.97
N ARG D 502 29.04 -19.24 25.05
CA ARG D 502 29.99 -18.67 26.03
C ARG D 502 29.59 -19.12 27.44
N SER D 503 28.30 -19.00 27.78
CA SER D 503 27.85 -19.35 29.11
C SER D 503 28.15 -20.81 29.44
N CYS D 504 27.91 -21.71 28.48
CA CYS D 504 28.20 -23.12 28.71
C CYS D 504 29.69 -23.37 28.89
N TYR D 505 30.52 -22.69 28.09
CA TYR D 505 31.96 -22.85 28.23
C TYR D 505 32.44 -22.32 29.58
N LYS D 506 31.87 -21.20 30.03
CA LYS D 506 32.20 -20.66 31.35
C LYS D 506 31.78 -21.63 32.45
N LEU D 507 30.59 -22.22 32.32
CA LEU D 507 30.12 -23.19 33.31
C LEU D 507 31.05 -24.39 33.39
N PHE D 508 31.46 -24.92 32.23
CA PHE D 508 32.39 -26.03 32.23
C PHE D 508 33.74 -25.64 32.81
N GLN D 509 34.17 -24.41 32.56
CA GLN D 509 35.43 -23.93 33.14
C GLN D 509 35.36 -23.89 34.66
N GLU D 510 34.26 -23.39 35.21
CA GLU D 510 34.10 -23.39 36.67
C GLU D 510 34.02 -24.82 37.21
N GLN D 511 33.34 -25.71 36.50
CA GLN D 511 33.26 -27.10 36.94
C GLN D 511 34.65 -27.73 37.00
N GLN D 512 35.47 -27.49 35.98
CA GLN D 512 36.84 -28.03 35.99
C GLN D 512 37.69 -27.37 37.06
N ASN D 513 37.49 -26.07 37.31
CA ASN D 513 38.24 -25.38 38.35
C ASN D 513 37.90 -25.89 39.73
N GLU D 514 36.65 -26.31 39.95
CA GLU D 514 36.20 -26.82 41.24
C GLU D 514 36.56 -28.29 41.46
N GLY D 515 37.50 -28.83 40.69
CA GLY D 515 37.92 -30.20 40.85
C GLY D 515 37.10 -31.24 40.13
N HIS D 516 36.11 -30.82 39.34
CA HIS D 516 35.24 -31.73 38.58
C HIS D 516 35.58 -31.58 37.10
N GLY D 517 36.58 -32.32 36.65
CA GLY D 517 37.00 -32.26 35.26
C GLY D 517 36.87 -33.59 34.55
N GLU D 518 36.48 -34.63 35.29
CA GLU D 518 36.29 -35.96 34.76
C GLU D 518 34.83 -36.36 34.66
N ALA D 519 33.92 -35.42 34.88
CA ALA D 519 32.50 -35.70 34.74
C ALA D 519 32.16 -36.02 33.29
N LEU D 520 31.21 -36.94 33.11
CA LEU D 520 30.88 -37.47 31.79
C LEU D 520 29.58 -36.86 31.30
N LEU D 521 29.68 -35.97 30.32
CA LEU D 521 28.50 -35.52 29.58
C LEU D 521 27.95 -36.68 28.77
N PHE D 522 26.61 -36.75 28.70
CA PHE D 522 25.86 -37.84 28.07
C PHE D 522 25.93 -39.13 28.88
N GLU D 523 26.14 -39.01 30.20
CA GLU D 523 26.19 -40.20 31.05
C GLU D 523 24.80 -40.70 31.42
N GLY D 524 23.81 -39.80 31.47
CA GLY D 524 22.46 -40.25 31.77
C GLY D 524 21.87 -41.11 30.67
N ILE D 525 22.21 -40.81 29.42
CA ILE D 525 21.73 -41.59 28.28
C ILE D 525 22.72 -42.71 28.01
N LYS D 526 22.25 -43.72 27.28
CA LYS D 526 23.06 -44.88 26.92
C LYS D 526 23.19 -44.97 25.41
N LYS D 527 23.94 -45.98 24.96
CA LYS D 527 24.18 -46.23 23.54
C LYS D 527 24.74 -45.00 22.84
N LYS D 528 25.65 -44.30 23.52
CA LYS D 528 26.28 -43.11 22.95
C LYS D 528 27.61 -42.89 23.65
N LYS D 529 28.43 -42.04 23.04
CA LYS D 529 29.75 -41.74 23.58
C LYS D 529 29.65 -40.66 24.65
N GLN D 530 30.12 -40.98 25.85
CA GLN D 530 30.17 -40.02 26.94
C GLN D 530 31.48 -39.26 26.89
N GLN D 531 31.41 -37.94 27.08
CA GLN D 531 32.57 -37.07 26.88
C GLN D 531 32.98 -36.41 28.19
N LYS D 532 34.25 -36.48 28.52
CA LYS D 532 34.75 -35.83 29.72
C LYS D 532 34.80 -34.32 29.51
N ILE D 533 34.88 -33.59 30.63
CA ILE D 533 34.88 -32.13 30.56
C ILE D 533 36.18 -31.62 29.95
N LYS D 534 37.32 -32.23 30.30
CA LYS D 534 38.60 -31.77 29.80
C LYS D 534 38.71 -31.97 28.29
N ASN D 535 38.24 -33.11 27.78
CA ASN D 535 38.31 -33.35 26.34
C ASN D 535 37.30 -32.52 25.57
N ILE D 536 36.25 -32.02 26.22
CA ILE D 536 35.35 -31.08 25.56
C ILE D 536 35.80 -29.64 25.69
N LEU D 537 36.71 -29.35 26.63
CA LEU D 537 37.30 -28.03 26.74
C LEU D 537 38.53 -27.87 25.86
N SER D 538 39.25 -28.96 25.58
CA SER D 538 40.44 -28.92 24.75
C SER D 538 40.15 -29.24 23.29
N ASN D 539 38.95 -28.94 22.80
CA ASN D 539 38.57 -29.21 21.42
C ASN D 539 38.64 -27.90 20.64
N LYS D 540 39.71 -27.72 19.87
CA LYS D 540 39.91 -26.48 19.13
C LYS D 540 38.86 -26.30 18.05
N THR D 541 38.53 -27.37 17.32
CA THR D 541 37.52 -27.26 16.27
C THR D 541 36.16 -26.90 16.86
N LEU D 542 35.79 -27.54 17.97
CA LEU D 542 34.54 -27.19 18.63
C LEU D 542 34.56 -25.75 19.12
N ARG D 543 35.70 -25.29 19.63
CA ARG D 543 35.80 -23.92 20.09
C ARG D 543 35.61 -22.93 18.94
N GLU D 544 36.22 -23.20 17.79
CA GLU D 544 36.04 -22.30 16.64
C GLU D 544 34.61 -22.32 16.13
N HIS D 545 33.98 -23.50 16.07
CA HIS D 545 32.59 -23.58 15.64
C HIS D 545 31.69 -22.80 16.59
N ASN D 546 31.93 -22.94 17.90
CA ASN D 546 31.12 -22.21 18.88
C ASN D 546 31.38 -20.71 18.81
N SER D 547 32.61 -20.30 18.50
CA SER D 547 32.89 -18.88 18.33
C SER D 547 32.12 -18.30 17.15
N PHE D 548 32.09 -19.01 16.03
CA PHE D 548 31.32 -18.55 14.88
C PHE D 548 29.83 -18.48 15.22
N VAL D 549 29.32 -19.51 15.90
CA VAL D 549 27.91 -19.52 16.28
C VAL D 549 27.62 -18.36 17.22
N GLU D 550 28.53 -18.07 18.15
CA GLU D 550 28.35 -16.95 19.08
C GLU D 550 28.34 -15.63 18.34
N ARG D 551 29.17 -15.49 17.31
CA ARG D 551 29.14 -14.28 16.50
C ARG D 551 27.79 -14.10 15.83
N CYS D 552 27.25 -15.18 15.26
CA CYS D 552 25.93 -15.10 14.62
C CYS D 552 24.85 -14.73 15.63
N ILE D 553 24.86 -15.37 16.81
CA ILE D 553 23.86 -15.10 17.82
C ILE D 553 24.00 -13.68 18.37
N ASP D 554 25.22 -13.17 18.48
CA ASP D 554 25.42 -11.79 18.93
C ASP D 554 24.88 -10.81 17.90
N TRP D 555 25.08 -11.08 16.61
CA TRP D 555 24.47 -10.24 15.59
C TRP D 555 22.96 -10.25 15.71
N ASN D 556 22.37 -11.43 15.93
CA ASN D 556 20.92 -11.51 16.09
C ASN D 556 20.44 -10.75 17.32
N ARG D 557 21.20 -10.83 18.42
CA ARG D 557 20.83 -10.12 19.63
C ARG D 557 20.91 -8.61 19.43
N GLU D 558 21.94 -8.13 18.72
CA GLU D 558 22.02 -6.70 18.42
C GLU D 558 20.88 -6.26 17.52
N LEU D 559 20.45 -7.11 16.60
CA LEU D 559 19.26 -6.81 15.81
C LEU D 559 18.02 -6.71 16.69
N LEU D 560 17.85 -7.69 17.58
CA LEU D 560 16.63 -7.76 18.40
C LEU D 560 16.54 -6.60 19.38
N LYS D 561 17.67 -6.21 19.98
CA LYS D 561 17.64 -5.10 20.92
C LYS D 561 17.16 -3.82 20.25
N ARG D 562 17.70 -3.52 19.06
CA ARG D 562 17.28 -2.32 18.35
C ARG D 562 15.83 -2.42 17.89
N GLU D 563 15.41 -3.60 17.41
CA GLU D 563 14.08 -3.71 16.84
C GLU D 563 12.97 -3.84 17.87
N LEU D 564 13.30 -4.18 19.12
CA LEU D 564 12.29 -4.32 20.16
C LEU D 564 12.50 -3.36 21.32
N GLY D 565 13.52 -2.51 21.28
CA GLY D 565 13.73 -1.57 22.36
C GLY D 565 14.05 -2.22 23.68
N LEU D 566 14.86 -3.27 23.67
CA LEU D 566 15.23 -3.98 24.88
C LEU D 566 16.53 -3.43 25.46
N ALA D 567 16.84 -3.86 26.68
CA ALA D 567 18.07 -3.52 27.36
C ALA D 567 18.80 -4.81 27.74
N GLU D 568 19.99 -4.66 28.31
CA GLU D 568 20.76 -5.83 28.73
C GLU D 568 20.11 -6.56 29.90
N SER D 569 19.18 -5.91 30.61
CA SER D 569 18.48 -6.55 31.71
C SER D 569 17.25 -7.32 31.27
N ASP D 570 16.86 -7.21 30.00
CA ASP D 570 15.71 -7.93 29.47
C ASP D 570 16.08 -9.26 28.82
N ILE D 571 17.37 -9.61 28.79
CA ILE D 571 17.85 -10.77 28.07
C ILE D 571 18.54 -11.71 29.06
N ILE D 572 18.28 -13.00 28.91
CA ILE D 572 18.90 -14.04 29.72
C ILE D 572 19.58 -15.03 28.79
N ASP D 573 20.82 -15.39 29.09
CA ASP D 573 21.62 -16.27 28.24
C ASP D 573 21.56 -17.69 28.77
N ILE D 574 20.97 -18.59 27.98
CA ILE D 574 20.87 -20.01 28.33
C ILE D 574 22.11 -20.73 27.82
N PRO D 575 22.78 -21.54 28.64
CA PRO D 575 23.95 -22.28 28.15
C PRO D 575 23.56 -23.23 27.01
N GLN D 576 24.45 -23.33 26.03
CA GLN D 576 24.20 -24.14 24.85
C GLN D 576 25.54 -24.47 24.20
N LEU D 577 25.52 -25.49 23.34
CA LEU D 577 26.71 -25.88 22.58
C LEU D 577 26.28 -26.31 21.19
N PHE D 578 26.94 -25.75 20.18
CA PHE D 578 26.66 -26.06 18.79
C PHE D 578 27.88 -26.69 18.14
N LYS D 579 27.66 -27.28 16.96
CA LYS D 579 28.75 -27.87 16.18
C LYS D 579 28.41 -27.73 14.71
N LEU D 580 29.40 -27.35 13.91
CA LEU D 580 29.19 -27.25 12.47
C LEU D 580 29.10 -28.64 11.85
N LYS D 581 28.34 -28.74 10.78
CA LYS D 581 28.00 -30.03 10.16
C LYS D 581 28.06 -29.86 8.65
N GLU D 582 27.44 -30.78 7.93
CA GLU D 582 27.39 -30.72 6.48
C GLU D 582 26.88 -29.36 6.02
N PHE D 583 27.54 -28.82 4.98
CA PHE D 583 27.33 -27.47 4.46
C PHE D 583 27.79 -26.40 5.44
N SER D 584 28.59 -26.77 6.45
CA SER D 584 29.11 -25.85 7.45
C SER D 584 27.98 -25.08 8.15
N LYS D 585 26.97 -25.82 8.59
CA LYS D 585 25.82 -25.24 9.27
C LYS D 585 25.68 -25.86 10.66
N ALA D 586 25.22 -25.03 11.60
CA ALA D 586 25.25 -25.39 13.01
C ALA D 586 24.13 -26.37 13.37
N GLU D 587 24.46 -27.30 14.27
CA GLU D 587 23.49 -28.22 14.86
C GLU D 587 23.77 -28.31 16.35
N ALA D 588 22.72 -28.55 17.13
CA ALA D 588 22.87 -28.60 18.58
C ALA D 588 23.74 -29.78 19.00
N PHE D 589 24.71 -29.52 19.88
CA PHE D 589 25.57 -30.59 20.38
C PHE D 589 24.82 -31.51 21.33
N PHE D 590 24.06 -30.93 22.25
CA PHE D 590 23.16 -31.65 23.13
C PHE D 590 21.79 -31.00 23.03
N PRO D 591 20.71 -31.71 23.44
CA PRO D 591 19.35 -31.18 23.28
C PRO D 591 19.20 -29.70 23.58
N ASN D 592 18.58 -28.97 22.64
CA ASN D 592 18.44 -27.52 22.74
C ASN D 592 17.52 -27.15 23.89
N MET D 593 18.10 -26.63 24.98
CA MET D 593 17.33 -26.31 26.18
C MET D 593 16.44 -25.09 25.99
N VAL D 594 16.76 -24.22 25.02
CA VAL D 594 15.91 -23.06 24.74
C VAL D 594 14.73 -23.42 23.84
N ASN D 595 14.71 -24.63 23.27
CA ASN D 595 13.61 -25.07 22.42
C ASN D 595 12.61 -25.86 23.29
N MET D 596 11.91 -25.12 24.14
CA MET D 596 11.08 -25.70 25.18
C MET D 596 9.62 -25.26 25.01
N LEU D 597 8.76 -25.88 25.81
CA LEU D 597 7.33 -25.60 25.79
C LEU D 597 6.97 -24.72 26.98
N VAL D 598 6.28 -23.61 26.71
CA VAL D 598 5.93 -22.63 27.74
C VAL D 598 4.41 -22.62 27.87
N LEU D 599 3.92 -22.89 29.08
CA LEU D 599 2.48 -22.86 29.39
C LEU D 599 2.34 -22.06 30.68
N GLY D 600 2.10 -20.76 30.54
CA GLY D 600 1.99 -19.88 31.69
C GLY D 600 3.28 -19.82 32.47
N LYS D 601 3.28 -20.39 33.68
CA LYS D 601 4.47 -20.46 34.52
C LYS D 601 5.09 -21.84 34.54
N HIS D 602 4.68 -22.74 33.64
CA HIS D 602 5.19 -24.09 33.59
C HIS D 602 6.01 -24.29 32.32
N LEU D 603 7.24 -24.77 32.47
CA LEU D 603 8.15 -24.95 31.36
C LEU D 603 8.50 -26.42 31.21
N GLY D 604 8.31 -26.95 30.01
CA GLY D 604 8.79 -28.26 29.65
C GLY D 604 10.06 -28.14 28.83
N ILE D 605 11.20 -28.40 29.47
CA ILE D 605 12.51 -28.18 28.86
C ILE D 605 13.09 -29.50 28.38
N PRO D 606 13.70 -29.56 27.21
CA PRO D 606 14.41 -30.77 26.81
C PRO D 606 15.52 -31.10 27.80
N LYS D 607 15.71 -32.38 28.06
CA LYS D 607 16.69 -32.83 29.05
C LYS D 607 18.07 -32.85 28.41
N PRO D 608 19.00 -32.01 28.89
CA PRO D 608 20.32 -31.93 28.24
C PRO D 608 21.21 -33.13 28.52
N PHE D 609 20.94 -33.88 29.59
CA PHE D 609 21.78 -35.01 30.00
C PHE D 609 23.24 -34.57 30.17
N GLY D 610 23.43 -33.46 30.86
CA GLY D 610 24.76 -32.93 31.08
C GLY D 610 25.49 -33.66 32.18
N PRO D 611 26.69 -33.17 32.50
CA PRO D 611 27.47 -33.78 33.58
C PRO D 611 26.76 -33.68 34.91
N VAL D 612 26.96 -34.69 35.75
CA VAL D 612 26.32 -34.78 37.06
C VAL D 612 27.35 -34.43 38.12
N ILE D 613 27.09 -33.34 38.86
CA ILE D 613 27.92 -32.91 39.98
C ILE D 613 27.06 -32.89 41.22
N ASN D 614 27.55 -33.51 42.30
CA ASN D 614 26.85 -33.54 43.59
C ASN D 614 25.43 -34.09 43.45
N GLY D 615 25.24 -35.03 42.52
CA GLY D 615 23.96 -35.65 42.31
C GLY D 615 22.98 -34.89 41.46
N ARG D 616 23.36 -33.72 40.92
CA ARG D 616 22.47 -32.93 40.08
C ARG D 616 23.20 -32.52 38.81
N CYS D 617 22.44 -32.43 37.71
CA CYS D 617 23.02 -31.98 36.46
C CYS D 617 23.35 -30.49 36.55
N CYS D 618 24.58 -30.14 36.13
CA CYS D 618 25.01 -28.75 36.24
C CYS D 618 24.21 -27.82 35.35
N LEU D 619 23.91 -28.27 34.12
CA LEU D 619 23.13 -27.45 33.21
C LEU D 619 21.71 -27.23 33.74
N GLU D 620 21.09 -28.30 34.25
CA GLU D 620 19.76 -28.18 34.84
C GLU D 620 19.77 -27.24 36.03
N GLU D 621 20.79 -27.35 36.89
CA GLU D 621 20.89 -26.47 38.05
C GLU D 621 21.05 -25.01 37.63
N LYS D 622 21.88 -24.76 36.61
CA LYS D 622 22.08 -23.40 36.14
C LYS D 622 20.79 -22.83 35.55
N VAL D 623 20.07 -23.63 34.76
CA VAL D 623 18.81 -23.16 34.17
C VAL D 623 17.79 -22.87 35.26
N CYS D 624 17.72 -23.74 36.29
CA CYS D 624 16.82 -23.50 37.40
C CYS D 624 17.17 -22.23 38.14
N SER D 625 18.46 -22.01 38.40
CA SER D 625 18.88 -20.80 39.09
C SER D 625 18.59 -19.55 38.25
N LEU D 626 18.65 -19.67 36.94
CA LEU D 626 18.39 -18.52 36.07
C LEU D 626 16.91 -18.20 35.96
N LEU D 627 16.06 -19.23 35.92
CA LEU D 627 14.64 -19.04 35.59
C LEU D 627 13.73 -19.00 36.80
N GLU D 628 13.99 -19.83 37.81
CA GLU D 628 13.11 -19.91 38.98
C GLU D 628 12.89 -18.58 39.70
N PRO D 629 13.89 -17.72 39.90
CA PRO D 629 13.62 -16.41 40.52
C PRO D 629 12.55 -15.61 39.82
N LEU D 630 12.31 -15.85 38.53
CA LEU D 630 11.22 -15.19 37.81
C LEU D 630 9.86 -15.77 38.17
N GLY D 631 9.81 -16.79 39.03
CA GLY D 631 8.56 -17.43 39.40
C GLY D 631 8.17 -18.62 38.55
N LEU D 632 8.92 -18.91 37.50
CA LEU D 632 8.62 -20.05 36.63
C LEU D 632 9.07 -21.35 37.29
N GLN D 633 8.43 -22.44 36.90
CA GLN D 633 8.78 -23.78 37.37
C GLN D 633 9.31 -24.60 36.19
N CYS D 634 10.50 -25.17 36.36
CA CYS D 634 11.20 -25.85 35.28
C CYS D 634 10.98 -27.36 35.40
N THR D 635 10.42 -27.96 34.35
CA THR D 635 10.26 -29.40 34.26
C THR D 635 11.03 -29.88 33.03
N PHE D 636 11.84 -30.91 33.20
CA PHE D 636 12.72 -31.40 32.14
C PHE D 636 12.14 -32.66 31.53
N ILE D 637 12.00 -32.65 30.21
CA ILE D 637 11.36 -33.73 29.45
C ILE D 637 12.43 -34.43 28.62
N ASN D 638 12.45 -35.76 28.68
CA ASN D 638 13.40 -36.55 27.91
C ASN D 638 12.90 -36.71 26.48
N ASP D 639 13.70 -36.27 25.51
CA ASP D 639 13.35 -36.39 24.09
C ASP D 639 14.56 -36.78 23.25
N PHE D 640 15.47 -37.57 23.82
CA PHE D 640 16.75 -37.82 23.15
C PHE D 640 16.58 -38.73 21.93
N PHE D 641 16.10 -39.96 22.16
CA PHE D 641 16.02 -40.93 21.08
C PHE D 641 14.80 -40.77 20.19
N THR D 642 13.87 -39.88 20.54
CA THR D 642 12.66 -39.68 19.76
C THR D 642 12.67 -38.41 18.92
N TYR D 643 13.17 -37.30 19.48
CA TYR D 643 13.15 -36.02 18.77
C TYR D 643 14.55 -35.49 18.50
N HIS D 644 15.44 -35.53 19.50
CA HIS D 644 16.78 -34.98 19.32
C HIS D 644 17.55 -35.72 18.25
N ILE D 645 17.40 -37.05 18.20
CA ILE D 645 18.04 -37.83 17.14
C ILE D 645 17.56 -37.37 15.77
N ARG D 646 16.29 -36.98 15.69
CA ARG D 646 15.73 -36.44 14.44
C ARG D 646 15.83 -34.92 14.37
N HIS D 647 16.76 -34.32 15.12
CA HIS D 647 17.04 -32.88 15.06
C HIS D 647 15.81 -32.06 15.41
N GLY D 648 15.14 -32.45 16.50
CA GLY D 648 13.98 -31.71 16.98
C GLY D 648 13.91 -31.77 18.50
N GLU D 649 13.05 -30.91 19.06
CA GLU D 649 12.92 -30.82 20.51
C GLU D 649 11.47 -30.78 20.93
N VAL D 650 11.23 -30.46 22.21
CA VAL D 650 9.87 -30.50 22.76
C VAL D 650 8.98 -29.48 22.06
N HIS D 651 9.49 -28.26 21.86
CA HIS D 651 8.70 -27.22 21.22
C HIS D 651 8.47 -27.52 19.75
N CYS D 652 9.41 -28.20 19.09
CA CYS D 652 9.26 -28.50 17.68
C CYS D 652 8.13 -29.48 17.42
N GLY D 653 7.78 -30.30 18.40
CA GLY D 653 6.75 -31.31 18.21
C GLY D 653 5.41 -30.98 18.85
N THR D 654 5.22 -29.74 19.27
CA THR D 654 3.98 -29.34 19.94
C THR D 654 3.50 -28.00 19.40
N ASN D 655 2.20 -27.78 19.50
CA ASN D 655 1.57 -26.52 19.13
C ASN D 655 0.58 -26.13 20.23
N VAL D 656 0.51 -24.84 20.54
CA VAL D 656 -0.30 -24.34 21.65
C VAL D 656 -1.22 -23.24 21.12
N ARG D 657 -2.48 -23.29 21.56
CA ARG D 657 -3.46 -22.23 21.25
C ARG D 657 -3.53 -21.30 22.45
N ARG D 658 -3.38 -19.99 22.26
CA ARG D 658 -3.27 -19.00 23.32
C ARG D 658 -4.44 -18.03 23.26
N LYS D 659 -4.75 -17.44 24.41
CA LYS D 659 -5.89 -16.54 24.51
C LYS D 659 -5.63 -15.27 23.72
N PRO D 660 -6.64 -14.75 23.01
CA PRO D 660 -6.45 -13.51 22.25
C PRO D 660 -6.17 -12.32 23.16
N PHE D 661 -5.52 -11.32 22.57
CA PHE D 661 -5.19 -10.11 23.31
C PHE D 661 -6.45 -9.37 23.74
N SER D 662 -6.40 -8.76 24.93
CA SER D 662 -7.49 -7.90 25.37
C SER D 662 -7.53 -6.60 24.57
N PHE D 663 -6.36 -6.13 24.12
CA PHE D 663 -6.30 -4.91 23.32
C PHE D 663 -6.99 -5.11 21.98
N LYS D 664 -7.79 -4.12 21.58
CA LYS D 664 -8.50 -4.16 20.31
C LYS D 664 -7.61 -3.63 19.20
N TRP D 665 -7.45 -4.44 18.14
CA TRP D 665 -6.49 -4.10 17.09
C TRP D 665 -6.84 -2.79 16.40
N TRP D 666 -8.13 -2.48 16.27
CA TRP D 666 -8.53 -1.23 15.63
C TRP D 666 -8.15 0.00 16.46
N ASN D 667 -7.77 -0.18 17.73
CA ASN D 667 -7.26 0.93 18.52
C ASN D 667 -5.77 1.16 18.28
N MET D 668 -5.10 0.28 17.55
CA MET D 668 -3.70 0.47 17.20
C MET D 668 -3.58 1.50 16.09
N VAL D 669 -2.48 2.25 16.12
CA VAL D 669 -2.20 3.24 15.07
C VAL D 669 -0.88 2.87 14.40
N PRO D 670 -0.90 2.02 13.35
CA PRO D 670 0.29 1.60 12.63
C PRO D 670 0.98 2.74 11.89
#